data_4FVM
#
_entry.id   4FVM
#
_cell.length_a   74.380
_cell.length_b   127.140
_cell.length_c   74.570
_cell.angle_alpha   90.00
_cell.angle_beta   104.78
_cell.angle_gamma   90.00
#
_symmetry.space_group_name_H-M   'P 1 21 1'
#
loop_
_entity.id
_entity.type
_entity.pdbx_description
1 polymer 'DNA polymerase alpha catalytic subunit A'
2 water water
#
_entity_poly.entity_id   1
_entity_poly.type   'polypeptide(L)'
_entity_poly.pdbx_seq_one_letter_code
;TDTFQMFWLDYCEVNNTLILFGKVKLKDDNCVSAMVQINGLCRELFFLPREGKTPTDIHEEIIPLLMDKYGLDNIRAKPQ
KMKYSFELPDIPSESDYLKVLLPYQTPKSSRDTIPSDLSSDTFYHVFGGNSNIFESFVIQNRIMGPCWLDIKGADFNSIR
NASHCAVEVSVDKPQNITPTTTKTMPNLRCLSLSIQTLMNPKENKQEIVSITLSAYRNISLDSPIPENIKPDDLCTLVRP
PQSTSFPLGLAALAKQKLPGRVRLFNNEKAMLSCFCAMLKVEDPDVIIGHRLQNVYLDVLAHRMHDLNIPTFSSIGRRLR
RTWPEKFGRGNSNMNHFFISDICSGRLICDIANEMGQSLTPKCQSWDLSEMYQVTCEKEHKPLDIDYQNPQYQNDVNSMT
MALQENITNCMISAEVSYRIQLLTLTKQLTNLAGNAWAQTLGGTRAGRNEYILLHEFSRNGFIVPDKEGNRSRAQKQRQN
EENADAPVNSKKAKYQGGLVFEPEKGLHKNYVLVMDFNSLYPSIIQEFNICFTTVDRNKEDIDELPSVPPSEVDQGVLPR
LLANLVDRRREVKKVMKTETDPHKRVQCDIRQQALKLTANSMYGCLGYVNSRFYAKPLAMLVTNKGREILMNTRQLAESM
NLLVVYGDTDSVMIDTGCDNYADAIKIGLGFKRLVNERYRLLEIDIDNVFKKLLLHAKKKYAALTVNLDKNGNGTTVLEV
KGLDMKRREFCPLSRDVSIHVLNTILSDKDPEEALQEVYDYLEDIRIKVETNNIRIDKYKINMKLSKDPKAYPGGKNMPA
VQVALRMRKAGRVVKAGSVITFVITKQDEIDNAADTPALSVAERAHALNEVMIKSNNLIPDPQYYLEKQIFAPVERLLER
IDSFNVVRLSEALGLDSKKYFRREGGNNNG
;
_entity_poly.pdbx_strand_id   A
#
# COMPACT_ATOMS: atom_id res chain seq x y z
N THR A 1 -1.37 -15.69 36.20
CA THR A 1 -1.63 -17.11 36.44
C THR A 1 -3.11 -17.37 36.68
N ASP A 2 -3.88 -16.29 36.83
CA ASP A 2 -5.32 -16.41 37.04
C ASP A 2 -6.09 -15.55 36.04
N THR A 3 -5.40 -15.11 34.99
CA THR A 3 -6.02 -14.25 34.00
C THR A 3 -5.87 -14.82 32.59
N PHE A 4 -6.87 -14.57 31.76
CA PHE A 4 -6.85 -14.99 30.37
C PHE A 4 -5.97 -14.03 29.57
N GLN A 5 -4.93 -14.57 28.94
CA GLN A 5 -3.97 -13.75 28.22
C GLN A 5 -4.05 -13.98 26.71
N MET A 6 -4.27 -12.91 25.95
CA MET A 6 -4.42 -13.00 24.50
C MET A 6 -3.61 -11.93 23.79
N PHE A 7 -2.99 -12.32 22.67
CA PHE A 7 -2.32 -11.36 21.80
C PHE A 7 -3.30 -10.95 20.71
N TRP A 8 -3.76 -9.70 20.75
CA TRP A 8 -4.80 -9.25 19.83
C TRP A 8 -4.23 -8.75 18.50
N LEU A 9 -4.94 -9.06 17.42
CA LEU A 9 -4.48 -8.76 16.06
C LEU A 9 -5.47 -7.89 15.29
N ASP A 10 -6.77 -8.18 15.42
CA ASP A 10 -7.79 -7.48 14.65
C ASP A 10 -9.08 -7.39 15.45
N TYR A 11 -10.09 -6.74 14.88
CA TYR A 11 -11.35 -6.56 15.59
C TYR A 11 -12.54 -6.41 14.63
N CYS A 12 -13.74 -6.40 15.20
CA CYS A 12 -14.95 -6.09 14.44
CA CYS A 12 -14.97 -6.17 14.46
C CYS A 12 -16.05 -5.61 15.38
N GLU A 13 -16.96 -4.82 14.82
CA GLU A 13 -18.06 -4.25 15.59
C GLU A 13 -19.36 -4.97 15.24
N VAL A 14 -20.17 -5.27 16.25
CA VAL A 14 -21.44 -5.94 16.02
C VAL A 14 -22.35 -5.84 17.25
N ASN A 15 -23.61 -5.46 17.01
CA ASN A 15 -24.60 -5.34 18.06
C ASN A 15 -24.07 -4.52 19.25
N ASN A 16 -23.43 -3.40 18.94
CA ASN A 16 -22.92 -2.49 19.96
C ASN A 16 -21.95 -3.15 20.93
N THR A 17 -21.27 -4.20 20.46
CA THR A 17 -20.18 -4.80 21.21
C THR A 17 -18.91 -4.70 20.38
N LEU A 18 -17.77 -5.03 20.99
CA LEU A 18 -16.50 -5.02 20.31
C LEU A 18 -15.86 -6.40 20.46
N ILE A 19 -15.51 -7.00 19.33
CA ILE A 19 -14.88 -8.31 19.33
C ILE A 19 -13.42 -8.18 18.93
N LEU A 20 -12.54 -8.75 19.74
CA LEU A 20 -11.12 -8.77 19.44
C LEU A 20 -10.72 -10.17 19.02
N PHE A 21 -9.99 -10.27 17.91
CA PHE A 21 -9.46 -11.55 17.46
C PHE A 21 -7.96 -11.58 17.72
N GLY A 22 -7.47 -12.72 18.17
CA GLY A 22 -6.07 -12.86 18.51
C GLY A 22 -5.65 -14.29 18.73
N LYS A 23 -4.57 -14.48 19.48
CA LYS A 23 -4.02 -15.81 19.71
C LYS A 23 -3.85 -16.10 21.19
N VAL A 24 -4.07 -17.37 21.56
CA VAL A 24 -3.87 -17.81 22.94
C VAL A 24 -2.91 -18.99 22.95
N LYS A 25 -2.09 -19.06 24.00
CA LYS A 25 -1.13 -20.14 24.16
C LYS A 25 -1.76 -21.30 24.92
N LEU A 26 -1.49 -22.52 24.48
CA LEU A 26 -2.03 -23.70 25.14
C LEU A 26 -0.95 -24.38 25.98
N LYS A 27 -1.34 -25.42 26.70
CA LYS A 27 -0.44 -26.11 27.62
C LYS A 27 0.76 -26.72 26.89
N ASP A 28 0.59 -27.02 25.61
CA ASP A 28 1.69 -27.59 24.81
C ASP A 28 2.49 -26.50 24.10
N ASP A 29 2.42 -25.27 24.62
CA ASP A 29 3.18 -24.14 24.08
C ASP A 29 2.77 -23.74 22.67
N ASN A 30 1.76 -24.41 22.11
CA ASN A 30 1.24 -24.02 20.80
C ASN A 30 0.16 -22.97 20.95
N CYS A 31 0.06 -22.09 19.95
CA CYS A 31 -0.92 -21.01 20.00
C CYS A 31 -2.04 -21.24 19.00
N VAL A 32 -3.28 -21.03 19.45
CA VAL A 32 -4.45 -21.15 18.59
C VAL A 32 -5.19 -19.83 18.56
N SER A 33 -6.20 -19.72 17.71
CA SER A 33 -6.95 -18.49 17.57
C SER A 33 -7.97 -18.33 18.70
N ALA A 34 -8.33 -17.08 18.99
CA ALA A 34 -9.29 -16.80 20.04
C ALA A 34 -10.03 -15.50 19.75
N MET A 35 -11.24 -15.37 20.29
CA MET A 35 -11.98 -14.13 20.20
C MET A 35 -12.48 -13.71 21.57
N VAL A 36 -12.54 -12.40 21.80
CA VAL A 36 -13.06 -11.85 23.04
C VAL A 36 -14.18 -10.87 22.72
N GLN A 37 -15.37 -11.13 23.24
CA GLN A 37 -16.48 -10.18 23.10
C GLN A 37 -16.48 -9.22 24.28
N ILE A 38 -16.44 -7.93 23.99
CA ILE A 38 -16.35 -6.91 25.02
C ILE A 38 -17.67 -6.15 25.17
N ASN A 39 -18.32 -6.33 26.31
CA ASN A 39 -19.52 -5.57 26.64
C ASN A 39 -19.18 -4.45 27.61
N GLY A 40 -20.13 -3.55 27.83
CA GLY A 40 -20.00 -2.52 28.85
C GLY A 40 -19.26 -1.27 28.41
N LEU A 41 -18.89 -1.19 27.13
CA LEU A 41 -18.21 0.00 26.62
C LEU A 41 -19.18 1.19 26.56
N CYS A 42 -18.65 2.38 26.83
CA CYS A 42 -19.44 3.60 26.80
C CYS A 42 -18.78 4.68 25.94
N ARG A 43 -19.61 5.56 25.39
CA ARG A 43 -19.11 6.77 24.75
C ARG A 43 -18.81 7.81 25.83
N GLU A 44 -17.68 8.49 25.69
CA GLU A 44 -17.35 9.60 26.57
C GLU A 44 -17.84 10.90 25.97
N LEU A 45 -18.88 11.47 26.59
CA LEU A 45 -19.41 12.75 26.13
C LEU A 45 -19.00 13.87 27.08
N PHE A 46 -18.72 15.04 26.51
CA PHE A 46 -18.37 16.21 27.30
C PHE A 46 -19.31 17.36 26.95
N PHE A 47 -20.12 17.78 27.92
CA PHE A 47 -21.06 18.88 27.72
C PHE A 47 -20.44 20.20 28.19
N LEU A 48 -20.48 21.20 27.32
CA LEU A 48 -19.83 22.49 27.57
C LEU A 48 -20.80 23.50 28.17
N PRO A 49 -20.61 23.86 29.44
CA PRO A 49 -21.54 24.78 30.12
C PRO A 49 -21.68 26.14 29.43
N ARG A 50 -22.83 26.76 29.61
CA ARG A 50 -23.10 28.10 29.09
C ARG A 50 -22.49 29.15 30.00
N GLU A 51 -22.28 30.35 29.47
CA GLU A 51 -21.79 31.47 30.26
C GLU A 51 -22.63 31.63 31.53
N GLY A 52 -22.03 31.34 32.68
CA GLY A 52 -22.70 31.49 33.96
C GLY A 52 -23.17 30.18 34.55
N LYS A 53 -23.38 29.18 33.70
CA LYS A 53 -23.86 27.88 34.15
C LYS A 53 -22.70 26.98 34.57
N THR A 54 -23.03 25.88 35.24
CA THR A 54 -22.03 24.94 35.72
C THR A 54 -22.35 23.53 35.24
N PRO A 55 -21.41 22.58 35.43
CA PRO A 55 -21.68 21.20 35.05
C PRO A 55 -22.85 20.59 35.83
N THR A 56 -23.00 20.99 37.07
CA THR A 56 -24.09 20.49 37.91
C THR A 56 -25.44 20.92 37.33
N ASP A 57 -25.48 22.11 36.74
CA ASP A 57 -26.69 22.58 36.07
C ASP A 57 -27.01 21.68 34.89
N ILE A 58 -25.99 21.27 34.15
CA ILE A 58 -26.16 20.37 33.02
C ILE A 58 -26.66 19.02 33.50
N HIS A 59 -26.03 18.50 34.54
CA HIS A 59 -26.38 17.20 35.11
C HIS A 59 -27.88 17.15 35.41
N GLU A 60 -28.41 18.26 35.92
CA GLU A 60 -29.83 18.33 36.30
C GLU A 60 -30.74 18.25 35.09
N GLU A 61 -30.32 18.80 33.96
CA GLU A 61 -31.16 18.86 32.77
C GLU A 61 -31.16 17.57 31.96
N ILE A 62 -30.01 17.22 31.39
CA ILE A 62 -29.96 16.15 30.38
C ILE A 62 -29.91 14.73 30.93
N ILE A 63 -29.36 14.55 32.12
CA ILE A 63 -29.22 13.20 32.67
C ILE A 63 -30.60 12.52 32.79
N PRO A 64 -31.56 13.21 33.41
CA PRO A 64 -32.92 12.64 33.46
C PRO A 64 -33.50 12.43 32.07
N LEU A 65 -33.22 13.34 31.15
CA LEU A 65 -33.73 13.25 29.78
C LEU A 65 -33.05 12.12 29.02
N LEU A 66 -31.81 11.82 29.38
CA LEU A 66 -31.06 10.74 28.73
C LEU A 66 -31.52 9.39 29.25
N MET A 67 -31.82 9.32 30.54
CA MET A 67 -32.36 8.10 31.13
C MET A 67 -33.64 7.68 30.42
N ASP A 68 -34.40 8.66 29.95
CA ASP A 68 -35.67 8.39 29.28
C ASP A 68 -35.46 7.88 27.86
N LYS A 69 -34.72 8.63 27.05
CA LYS A 69 -34.53 8.28 25.65
C LYS A 69 -33.93 6.89 25.49
N TYR A 70 -32.90 6.59 26.27
CA TYR A 70 -32.18 5.32 26.16
C TYR A 70 -32.75 4.27 27.11
N GLY A 71 -33.55 4.70 28.08
CA GLY A 71 -34.18 3.79 29.02
C GLY A 71 -33.17 3.19 29.99
N LEU A 72 -32.34 4.03 30.57
CA LEU A 72 -31.33 3.59 31.53
C LEU A 72 -31.73 3.94 32.95
N ASP A 73 -31.42 3.06 33.89
CA ASP A 73 -31.71 3.31 35.30
C ASP A 73 -30.82 4.41 35.85
N ASN A 74 -29.51 4.26 35.65
CA ASN A 74 -28.56 5.28 36.07
C ASN A 74 -27.48 5.52 35.02
N ILE A 75 -27.00 6.76 34.96
CA ILE A 75 -25.94 7.14 34.02
C ILE A 75 -24.79 7.80 34.76
N ARG A 76 -23.61 7.18 34.69
CA ARG A 76 -22.43 7.74 35.33
C ARG A 76 -22.08 9.08 34.69
N ALA A 77 -21.97 10.11 35.53
CA ALA A 77 -21.61 11.44 35.07
C ALA A 77 -20.91 12.20 36.19
N LYS A 78 -20.02 13.11 35.82
CA LYS A 78 -19.30 13.92 36.80
C LYS A 78 -18.61 15.10 36.13
N PRO A 79 -18.39 16.18 36.90
CA PRO A 79 -17.64 17.33 36.37
C PRO A 79 -16.21 16.94 36.05
N GLN A 80 -15.61 17.59 35.06
CA GLN A 80 -14.21 17.34 34.72
C GLN A 80 -13.65 18.48 33.90
N LYS A 81 -12.53 19.04 34.36
CA LYS A 81 -11.86 20.10 33.64
C LYS A 81 -11.12 19.53 32.44
N MET A 82 -11.38 20.08 31.25
CA MET A 82 -10.74 19.62 30.03
C MET A 82 -10.22 20.79 29.20
N LYS A 83 -9.16 20.54 28.45
CA LYS A 83 -8.57 21.56 27.59
C LYS A 83 -9.03 21.37 26.15
N TYR A 84 -9.21 22.47 25.44
CA TYR A 84 -9.57 22.43 24.02
C TYR A 84 -8.66 23.37 23.25
N SER A 85 -8.20 22.93 22.08
CA SER A 85 -7.19 23.65 21.32
C SER A 85 -7.32 23.44 19.83
N PHE A 86 -8.54 23.17 19.35
CA PHE A 86 -8.74 22.88 17.94
C PHE A 86 -9.62 23.93 17.25
N GLU A 87 -10.23 23.57 16.12
CA GLU A 87 -10.69 24.56 15.16
C GLU A 87 -12.08 25.17 15.42
N LEU A 88 -12.82 24.65 16.39
CA LEU A 88 -14.11 25.25 16.73
C LEU A 88 -13.89 26.57 17.47
N PRO A 89 -14.38 27.67 16.88
CA PRO A 89 -14.05 29.03 17.33
C PRO A 89 -14.63 29.42 18.70
N ASP A 90 -15.83 28.96 19.02
CA ASP A 90 -16.53 29.45 20.20
C ASP A 90 -16.20 28.70 21.50
N ILE A 91 -15.35 27.69 21.41
CA ILE A 91 -14.97 26.92 22.61
C ILE A 91 -13.68 27.46 23.23
N PRO A 92 -13.67 27.62 24.57
CA PRO A 92 -12.51 28.20 25.27
C PRO A 92 -11.33 27.25 25.38
N SER A 93 -10.19 27.80 25.81
CA SER A 93 -8.97 27.01 25.97
C SER A 93 -9.13 25.94 27.04
N GLU A 94 -9.83 26.28 28.11
CA GLU A 94 -10.06 25.33 29.20
C GLU A 94 -11.39 25.62 29.89
N SER A 95 -12.09 24.57 30.28
CA SER A 95 -13.41 24.71 30.89
C SER A 95 -13.76 23.50 31.75
N ASP A 96 -14.73 23.68 32.64
CA ASP A 96 -15.28 22.55 33.38
C ASP A 96 -16.41 21.93 32.55
N TYR A 97 -16.26 20.65 32.23
CA TYR A 97 -17.26 19.95 31.46
C TYR A 97 -18.03 18.97 32.34
N LEU A 98 -19.17 18.52 31.86
CA LEU A 98 -19.84 17.37 32.45
C LEU A 98 -19.52 16.17 31.60
N LYS A 99 -18.72 15.24 32.14
CA LYS A 99 -18.38 14.02 31.44
C LYS A 99 -19.45 12.97 31.69
N VAL A 100 -20.15 12.57 30.63
CA VAL A 100 -21.22 11.60 30.73
C VAL A 100 -20.86 10.31 30.01
N LEU A 101 -20.93 9.19 30.72
CA LEU A 101 -20.64 7.88 30.14
C LEU A 101 -21.93 7.21 29.64
N LEU A 102 -22.12 7.26 28.32
CA LEU A 102 -23.30 6.69 27.68
C LEU A 102 -22.97 5.35 27.04
N PRO A 103 -23.50 4.25 27.59
CA PRO A 103 -23.20 2.92 27.04
C PRO A 103 -23.54 2.80 25.55
N TYR A 104 -22.77 1.99 24.82
CA TYR A 104 -23.10 1.70 23.43
C TYR A 104 -24.32 0.79 23.38
N GLN A 105 -24.38 -0.17 24.31
CA GLN A 105 -25.53 -1.06 24.43
C GLN A 105 -26.56 -0.43 25.36
N THR A 106 -27.69 -0.02 24.79
CA THR A 106 -28.78 0.55 25.59
C THR A 106 -30.10 -0.11 25.25
N PRO A 107 -30.99 -0.25 26.26
CA PRO A 107 -32.30 -0.89 26.05
C PRO A 107 -33.11 -0.25 24.92
N LYS A 108 -32.99 1.06 24.76
CA LYS A 108 -33.76 1.78 23.76
C LYS A 108 -32.89 2.68 22.88
N SER A 109 -33.29 2.85 21.63
CA SER A 109 -32.64 3.77 20.70
C SER A 109 -31.13 3.77 20.82
N SER A 110 -30.52 2.58 20.73
CA SER A 110 -29.08 2.45 20.86
C SER A 110 -28.34 2.95 19.63
N ARG A 111 -29.05 3.10 18.52
CA ARG A 111 -28.44 3.51 17.26
C ARG A 111 -28.58 5.02 17.03
N ASP A 112 -29.14 5.72 18.01
CA ASP A 112 -29.33 7.17 17.89
C ASP A 112 -28.27 7.91 18.71
N THR A 113 -27.49 8.74 18.02
CA THR A 113 -26.39 9.47 18.66
C THR A 113 -26.78 10.91 18.98
N ILE A 114 -26.18 11.45 20.04
CA ILE A 114 -26.41 12.83 20.43
C ILE A 114 -25.61 13.78 19.56
N PRO A 115 -26.30 14.71 18.88
CA PRO A 115 -25.62 15.66 17.98
C PRO A 115 -24.81 16.70 18.75
N SER A 116 -23.75 17.21 18.11
CA SER A 116 -22.89 18.21 18.73
C SER A 116 -23.63 19.52 18.95
N ASP A 117 -24.60 19.80 18.08
CA ASP A 117 -25.36 21.05 18.16
C ASP A 117 -26.73 20.82 18.80
N LEU A 118 -26.74 20.15 19.94
CA LEU A 118 -27.99 19.87 20.64
C LEU A 118 -28.49 21.12 21.36
N SER A 119 -29.76 21.43 21.15
CA SER A 119 -30.36 22.63 21.75
C SER A 119 -30.53 22.47 23.26
N SER A 120 -30.11 23.48 24.01
CA SER A 120 -30.15 23.44 25.47
C SER A 120 -29.82 24.82 26.03
N ASP A 121 -30.41 25.14 27.20
CA ASP A 121 -30.15 26.41 27.88
C ASP A 121 -29.06 26.32 28.96
N THR A 122 -28.41 25.17 29.07
CA THR A 122 -27.36 24.97 30.06
C THR A 122 -26.00 24.72 29.42
N PHE A 123 -26.01 24.19 28.20
CA PHE A 123 -24.77 23.96 27.46
C PHE A 123 -24.97 24.31 25.98
N TYR A 124 -23.87 24.60 25.29
CA TYR A 124 -23.95 24.99 23.89
C TYR A 124 -23.03 24.18 22.98
N HIS A 125 -22.58 23.02 23.46
CA HIS A 125 -21.84 22.08 22.64
C HIS A 125 -21.64 20.74 23.34
N VAL A 126 -21.53 19.68 22.55
CA VAL A 126 -21.35 18.34 23.09
C VAL A 126 -20.33 17.55 22.27
N PHE A 127 -19.22 17.17 22.93
CA PHE A 127 -18.18 16.40 22.28
C PHE A 127 -18.36 14.90 22.53
N GLY A 128 -17.98 14.09 21.54
CA GLY A 128 -17.92 12.64 21.73
C GLY A 128 -19.21 11.90 21.38
N GLY A 129 -20.18 12.61 20.81
CA GLY A 129 -21.46 12.01 20.50
C GLY A 129 -21.38 10.85 19.53
N ASN A 130 -20.59 11.00 18.48
CA ASN A 130 -20.50 10.00 17.42
C ASN A 130 -19.30 9.07 17.57
N SER A 131 -18.81 8.92 18.79
CA SER A 131 -17.64 8.09 19.05
C SER A 131 -17.79 6.70 18.44
N ASN A 132 -16.70 6.22 17.82
CA ASN A 132 -16.62 4.86 17.33
C ASN A 132 -16.21 3.94 18.47
N ILE A 133 -16.76 2.72 18.51
CA ILE A 133 -16.55 1.83 19.65
C ILE A 133 -15.12 1.30 19.76
N PHE A 134 -14.48 1.01 18.63
CA PHE A 134 -13.09 0.55 18.67
C PHE A 134 -12.21 1.68 19.19
N GLU A 135 -12.51 2.90 18.73
CA GLU A 135 -11.75 4.07 19.14
C GLU A 135 -11.87 4.28 20.64
N SER A 136 -13.09 4.17 21.16
CA SER A 136 -13.34 4.37 22.58
C SER A 136 -12.54 3.38 23.41
N PHE A 137 -12.57 2.11 23.01
CA PHE A 137 -11.86 1.07 23.74
C PHE A 137 -10.36 1.33 23.78
N VAL A 138 -9.80 1.64 22.60
CA VAL A 138 -8.36 1.79 22.46
C VAL A 138 -7.85 3.01 23.20
N ILE A 139 -8.60 4.10 23.14
CA ILE A 139 -8.20 5.35 23.78
C ILE A 139 -8.40 5.31 25.29
N GLN A 140 -9.48 4.69 25.75
CA GLN A 140 -9.78 4.62 27.17
C GLN A 140 -8.85 3.65 27.89
N ASN A 141 -8.49 2.58 27.20
CA ASN A 141 -7.65 1.53 27.80
C ASN A 141 -6.19 1.64 27.37
N ARG A 142 -5.85 2.71 26.66
CA ARG A 142 -4.48 3.00 26.28
C ARG A 142 -3.84 1.83 25.52
N ILE A 143 -4.60 1.26 24.58
CA ILE A 143 -4.11 0.15 23.78
C ILE A 143 -3.34 0.69 22.58
N MET A 144 -2.09 0.27 22.43
CA MET A 144 -1.25 0.77 21.35
C MET A 144 -0.89 -0.34 20.37
N GLY A 145 -1.82 -0.64 19.46
CA GLY A 145 -1.58 -1.64 18.44
C GLY A 145 -1.54 -3.06 18.99
N PRO A 146 -1.18 -4.02 18.13
CA PRO A 146 -1.15 -5.44 18.50
C PRO A 146 -0.20 -5.70 19.67
N CYS A 147 -0.72 -6.34 20.71
CA CYS A 147 0.04 -6.59 21.92
C CYS A 147 -0.65 -7.66 22.76
N TRP A 148 0.02 -8.09 23.83
CA TRP A 148 -0.57 -9.02 24.78
C TRP A 148 -1.55 -8.29 25.69
N LEU A 149 -2.66 -8.96 26.03
CA LEU A 149 -3.70 -8.38 26.86
C LEU A 149 -4.02 -9.30 28.04
N ASP A 150 -3.89 -8.77 29.25
CA ASP A 150 -4.37 -9.45 30.43
C ASP A 150 -5.87 -9.21 30.54
N ILE A 151 -6.65 -10.30 30.56
CA ILE A 151 -8.09 -10.21 30.62
C ILE A 151 -8.62 -10.96 31.84
N LYS A 152 -9.14 -10.22 32.80
CA LYS A 152 -9.68 -10.81 34.02
C LYS A 152 -11.20 -10.92 33.92
N GLY A 153 -11.78 -11.88 34.65
CA GLY A 153 -13.21 -12.07 34.65
C GLY A 153 -13.74 -12.54 33.30
N ALA A 154 -12.93 -13.33 32.60
CA ALA A 154 -13.33 -13.86 31.30
C ALA A 154 -14.36 -14.96 31.45
N ASP A 155 -15.49 -14.79 30.77
CA ASP A 155 -16.57 -15.78 30.81
C ASP A 155 -16.39 -16.79 29.69
N PHE A 156 -16.15 -18.04 30.05
CA PHE A 156 -15.84 -19.09 29.07
C PHE A 156 -17.07 -19.87 28.61
N ASN A 157 -18.25 -19.53 29.13
CA ASN A 157 -19.47 -20.29 28.81
C ASN A 157 -20.57 -19.43 28.18
N SER A 158 -20.29 -18.14 28.00
CA SER A 158 -21.28 -17.22 27.46
C SER A 158 -21.45 -17.36 25.94
N ILE A 159 -20.34 -17.48 25.23
CA ILE A 159 -20.35 -17.43 23.77
C ILE A 159 -20.50 -18.83 23.17
N ARG A 160 -21.46 -18.96 22.25
CA ARG A 160 -21.73 -20.24 21.60
C ARG A 160 -21.75 -20.11 20.08
N ASN A 161 -20.85 -20.85 19.42
CA ASN A 161 -20.85 -20.95 17.97
C ASN A 161 -20.90 -19.59 17.29
N ALA A 162 -20.02 -18.69 17.71
CA ALA A 162 -20.01 -17.32 17.19
C ALA A 162 -18.89 -17.06 16.19
N SER A 163 -17.86 -17.91 16.23
CA SER A 163 -16.65 -17.63 15.45
C SER A 163 -16.01 -18.86 14.83
N HIS A 164 -14.98 -18.65 14.04
CA HIS A 164 -14.17 -19.73 13.50
C HIS A 164 -12.92 -19.90 14.34
N CYS A 165 -12.95 -19.40 15.58
CA CYS A 165 -11.79 -19.45 16.46
C CYS A 165 -11.85 -20.66 17.39
N ALA A 166 -10.70 -21.03 17.93
CA ALA A 166 -10.60 -22.19 18.81
C ALA A 166 -11.08 -21.88 20.22
N VAL A 167 -10.98 -20.61 20.61
CA VAL A 167 -11.34 -20.20 21.97
C VAL A 167 -12.20 -18.95 21.95
N GLU A 168 -13.37 -19.04 22.60
CA GLU A 168 -14.31 -17.94 22.64
C GLU A 168 -14.65 -17.54 24.07
N VAL A 169 -14.36 -16.29 24.43
CA VAL A 169 -14.70 -15.78 25.75
C VAL A 169 -15.32 -14.39 25.65
N SER A 170 -15.87 -13.91 26.76
CA SER A 170 -16.46 -12.57 26.82
C SER A 170 -16.11 -11.88 28.13
N VAL A 171 -16.35 -10.58 28.19
CA VAL A 171 -16.16 -9.80 29.40
C VAL A 171 -17.28 -8.77 29.52
N ASP A 172 -17.67 -8.47 30.76
CA ASP A 172 -18.78 -7.57 31.02
C ASP A 172 -18.37 -6.09 30.98
N LYS A 173 -17.10 -5.82 31.22
CA LYS A 173 -16.59 -4.45 31.19
C LYS A 173 -15.18 -4.38 30.64
N PRO A 174 -14.89 -3.33 29.85
CA PRO A 174 -13.60 -3.16 29.18
C PRO A 174 -12.44 -2.94 30.15
N GLN A 175 -12.73 -2.47 31.35
CA GLN A 175 -11.69 -2.20 32.34
C GLN A 175 -11.02 -3.50 32.78
N ASN A 176 -11.67 -4.62 32.50
CA ASN A 176 -11.09 -5.93 32.79
C ASN A 176 -9.91 -6.25 31.87
N ILE A 177 -9.72 -5.44 30.84
CA ILE A 177 -8.67 -5.69 29.85
C ILE A 177 -7.56 -4.63 29.95
N THR A 178 -6.34 -5.09 30.23
CA THR A 178 -5.18 -4.20 30.28
C THR A 178 -4.05 -4.76 29.43
N PRO A 179 -3.27 -3.87 28.79
CA PRO A 179 -2.11 -4.31 28.00
C PRO A 179 -0.91 -4.63 28.86
N THR A 180 -0.13 -5.62 28.45
CA THR A 180 1.09 -5.99 29.18
C THR A 180 2.30 -5.42 28.46
N THR A 181 3.48 -5.60 29.04
CA THR A 181 4.71 -5.02 28.50
C THR A 181 5.49 -6.01 27.64
N THR A 182 5.07 -7.27 27.66
CA THR A 182 5.76 -8.31 26.89
C THR A 182 6.01 -7.85 25.46
N LYS A 183 7.26 -7.97 25.02
CA LYS A 183 7.68 -7.45 23.72
C LYS A 183 7.61 -8.50 22.62
N THR A 184 7.73 -9.77 22.99
CA THR A 184 7.66 -10.85 22.02
C THR A 184 6.21 -11.12 21.62
N MET A 185 6.04 -11.85 20.52
CA MET A 185 4.71 -12.21 20.05
C MET A 185 4.71 -13.65 19.55
N PRO A 186 3.51 -14.24 19.43
CA PRO A 186 3.45 -15.61 18.92
C PRO A 186 3.71 -15.68 17.43
N ASN A 187 4.11 -16.84 16.93
CA ASN A 187 4.26 -17.05 15.50
C ASN A 187 2.92 -16.81 14.82
N LEU A 188 2.96 -16.37 13.56
CA LEU A 188 1.75 -16.10 12.81
C LEU A 188 1.54 -17.15 11.72
N ARG A 189 0.29 -17.54 11.53
CA ARG A 189 -0.06 -18.44 10.45
C ARG A 189 -0.40 -17.62 9.22
N CYS A 190 0.47 -17.70 8.21
CA CYS A 190 0.27 -16.94 6.98
C CYS A 190 -0.18 -17.85 5.85
N LEU A 191 -1.07 -17.33 5.02
CA LEU A 191 -1.57 -18.07 3.88
C LEU A 191 -1.54 -17.19 2.64
N SER A 192 -0.67 -17.52 1.69
CA SER A 192 -0.59 -16.76 0.45
C SER A 192 -1.66 -17.24 -0.53
N LEU A 193 -2.42 -16.29 -1.07
CA LEU A 193 -3.49 -16.60 -2.02
C LEU A 193 -3.17 -16.04 -3.40
N SER A 194 -3.36 -16.87 -4.41
CA SER A 194 -3.25 -16.44 -5.79
C SER A 194 -4.46 -16.96 -6.58
N ILE A 195 -5.15 -16.05 -7.25
CA ILE A 195 -6.40 -16.37 -7.91
C ILE A 195 -6.34 -16.08 -9.41
N GLN A 196 -6.80 -17.04 -10.21
CA GLN A 196 -6.92 -16.84 -11.65
C GLN A 196 -8.40 -16.73 -12.03
N THR A 197 -8.73 -15.66 -12.76
CA THR A 197 -10.12 -15.37 -13.07
C THR A 197 -10.42 -15.55 -14.55
N LEU A 198 -11.68 -15.32 -14.90
CA LEU A 198 -12.16 -15.44 -16.27
C LEU A 198 -13.26 -14.41 -16.49
N MET A 199 -13.17 -13.66 -17.58
CA MET A 199 -14.17 -12.65 -17.88
C MET A 199 -15.30 -13.24 -18.71
N ASN A 200 -16.48 -13.34 -18.10
CA ASN A 200 -17.67 -13.79 -18.81
C ASN A 200 -18.31 -12.62 -19.55
N PRO A 201 -18.22 -12.61 -20.89
CA PRO A 201 -18.67 -11.46 -21.68
C PRO A 201 -20.17 -11.22 -21.57
N LYS A 202 -20.94 -12.28 -21.33
CA LYS A 202 -22.39 -12.16 -21.21
C LYS A 202 -22.79 -11.14 -20.15
N GLU A 203 -22.40 -11.43 -18.90
CA GLU A 203 -22.80 -10.59 -17.77
C GLU A 203 -21.72 -9.58 -17.37
N ASN A 204 -20.62 -9.55 -18.11
CA ASN A 204 -19.50 -8.69 -17.75
C ASN A 204 -19.04 -9.04 -16.34
N LYS A 205 -19.04 -10.34 -16.05
CA LYS A 205 -18.76 -10.83 -14.70
C LYS A 205 -17.38 -11.48 -14.62
N GLN A 206 -16.65 -11.16 -13.56
CA GLN A 206 -15.37 -11.81 -13.29
C GLN A 206 -15.62 -13.10 -12.51
N GLU A 207 -15.22 -14.22 -13.09
CA GLU A 207 -15.42 -15.52 -12.46
C GLU A 207 -14.08 -16.18 -12.13
N ILE A 208 -14.09 -17.03 -11.11
CA ILE A 208 -12.87 -17.64 -10.61
C ILE A 208 -12.65 -19.03 -11.19
N VAL A 209 -11.47 -19.26 -11.75
CA VAL A 209 -11.12 -20.52 -12.37
C VAL A 209 -10.28 -21.41 -11.44
N SER A 210 -9.31 -20.81 -10.76
CA SER A 210 -8.44 -21.57 -9.87
C SER A 210 -7.95 -20.75 -8.69
N ILE A 211 -7.52 -21.45 -7.64
CA ILE A 211 -6.99 -20.81 -6.45
C ILE A 211 -5.81 -21.62 -5.93
N THR A 212 -4.69 -20.95 -5.67
CA THR A 212 -3.55 -21.61 -5.05
C THR A 212 -3.37 -21.11 -3.61
N LEU A 213 -3.15 -22.05 -2.70
CA LEU A 213 -2.98 -21.73 -1.29
C LEU A 213 -1.63 -22.26 -0.80
N SER A 214 -0.77 -21.35 -0.35
CA SER A 214 0.53 -21.72 0.18
C SER A 214 0.59 -21.29 1.65
N ALA A 215 0.78 -22.26 2.53
CA ALA A 215 0.69 -22.02 3.96
C ALA A 215 2.06 -21.98 4.62
N TYR A 216 2.29 -20.92 5.40
CA TYR A 216 3.49 -20.79 6.22
C TYR A 216 3.03 -20.61 7.67
N ARG A 217 3.18 -21.68 8.47
CA ARG A 217 2.49 -21.78 9.75
C ARG A 217 3.32 -21.31 10.95
N ASN A 218 4.53 -20.84 10.71
CA ASN A 218 5.38 -20.38 11.81
C ASN A 218 6.26 -19.19 11.43
N ILE A 219 5.62 -18.12 10.98
CA ILE A 219 6.33 -16.88 10.69
C ILE A 219 6.55 -16.10 11.97
N SER A 220 7.81 -16.00 12.39
CA SER A 220 8.16 -15.26 13.60
C SER A 220 8.71 -13.89 13.25
N LEU A 221 8.00 -12.85 13.67
CA LEU A 221 8.43 -11.48 13.43
C LEU A 221 9.48 -11.04 14.45
N ASP A 222 9.73 -11.88 15.46
CA ASP A 222 10.72 -11.58 16.48
C ASP A 222 12.14 -11.83 15.98
N SER A 223 12.25 -12.59 14.90
CA SER A 223 13.53 -12.84 14.26
C SER A 223 13.36 -12.68 12.76
N PRO A 224 14.45 -12.37 12.04
CA PRO A 224 14.33 -12.20 10.59
C PRO A 224 13.81 -13.46 9.90
N ILE A 225 12.92 -13.29 8.93
CA ILE A 225 12.38 -14.41 8.19
C ILE A 225 13.39 -14.89 7.16
N PRO A 226 13.76 -16.18 7.20
CA PRO A 226 14.78 -16.71 6.29
C PRO A 226 14.35 -16.58 4.83
N GLU A 227 15.28 -16.18 3.96
CA GLU A 227 14.99 -16.01 2.55
C GLU A 227 14.57 -17.33 1.91
N ASN A 228 13.67 -17.24 0.94
CA ASN A 228 13.16 -18.41 0.23
C ASN A 228 12.60 -19.46 1.19
N ILE A 229 11.95 -19.01 2.25
CA ILE A 229 11.31 -19.93 3.19
C ILE A 229 10.29 -20.77 2.44
N LYS A 230 10.29 -22.08 2.72
CA LYS A 230 9.39 -22.99 2.03
C LYS A 230 8.11 -23.20 2.83
N PRO A 231 6.97 -23.29 2.12
CA PRO A 231 5.66 -23.47 2.75
C PRO A 231 5.49 -24.86 3.35
N ASP A 232 4.73 -24.94 4.43
CA ASP A 232 4.46 -26.22 5.08
C ASP A 232 3.43 -27.00 4.27
N ASP A 233 2.65 -26.28 3.48
CA ASP A 233 1.66 -26.91 2.62
C ASP A 233 1.39 -26.06 1.39
N LEU A 234 1.19 -26.73 0.25
CA LEU A 234 0.90 -26.05 -1.00
C LEU A 234 -0.20 -26.82 -1.73
N CYS A 235 -1.29 -26.13 -2.06
CA CYS A 235 -2.45 -26.77 -2.67
C CYS A 235 -3.08 -25.85 -3.72
N THR A 236 -3.57 -26.46 -4.80
CA THR A 236 -4.20 -25.70 -5.87
C THR A 236 -5.58 -26.28 -6.20
N LEU A 237 -6.57 -25.41 -6.25
CA LEU A 237 -7.93 -25.81 -6.61
C LEU A 237 -8.24 -25.28 -8.00
N VAL A 238 -8.99 -26.03 -8.78
CA VAL A 238 -9.32 -25.61 -10.14
C VAL A 238 -10.63 -26.19 -10.64
N ARG A 239 -11.38 -25.37 -11.37
CA ARG A 239 -12.59 -25.83 -12.05
C ARG A 239 -12.41 -25.61 -13.56
N PRO A 240 -13.19 -26.34 -14.37
CA PRO A 240 -13.05 -26.21 -15.83
C PRO A 240 -13.52 -24.86 -16.31
N PRO A 241 -12.69 -24.16 -17.11
CA PRO A 241 -13.05 -22.81 -17.56
C PRO A 241 -14.18 -22.78 -18.58
N GLN A 242 -14.36 -23.86 -19.34
CA GLN A 242 -15.34 -23.89 -20.42
C GLN A 242 -16.51 -24.83 -20.14
N SER A 243 -16.22 -26.11 -19.95
CA SER A 243 -17.25 -27.13 -19.80
C SER A 243 -17.37 -27.60 -18.36
N THR A 244 -17.92 -28.80 -18.16
CA THR A 244 -18.03 -29.39 -16.84
C THR A 244 -16.92 -30.42 -16.61
N SER A 245 -16.05 -30.59 -17.61
CA SER A 245 -15.01 -31.60 -17.55
C SER A 245 -13.67 -31.05 -18.02
N PHE A 246 -12.59 -31.59 -17.46
CA PHE A 246 -11.23 -31.19 -17.83
C PHE A 246 -10.72 -32.05 -18.98
N PRO A 247 -9.59 -31.63 -19.58
CA PRO A 247 -8.90 -32.51 -20.54
C PRO A 247 -8.47 -33.80 -19.86
N LEU A 248 -8.38 -34.88 -20.62
CA LEU A 248 -7.99 -36.18 -20.06
C LEU A 248 -6.52 -36.16 -19.64
N GLY A 249 -6.21 -36.89 -18.56
CA GLY A 249 -4.85 -37.03 -18.09
C GLY A 249 -4.39 -35.92 -17.16
N LEU A 250 -5.23 -34.91 -16.94
CA LEU A 250 -4.84 -33.74 -16.15
C LEU A 250 -4.28 -34.10 -14.77
N ALA A 251 -4.96 -34.99 -14.07
CA ALA A 251 -4.56 -35.36 -12.71
C ALA A 251 -3.21 -36.06 -12.70
N ALA A 252 -2.98 -36.94 -13.67
CA ALA A 252 -1.73 -37.68 -13.76
C ALA A 252 -0.57 -36.75 -14.09
N LEU A 253 -0.85 -35.73 -14.90
CA LEU A 253 0.18 -34.80 -15.33
C LEU A 253 0.49 -33.80 -14.22
N ALA A 254 -0.52 -33.47 -13.42
CA ALA A 254 -0.34 -32.56 -12.29
C ALA A 254 0.59 -33.19 -11.26
N LYS A 255 0.29 -34.43 -10.86
CA LYS A 255 1.11 -35.15 -9.91
C LYS A 255 2.55 -35.24 -10.40
N GLN A 256 2.72 -35.20 -11.72
CA GLN A 256 4.02 -35.37 -12.34
C GLN A 256 4.78 -34.05 -12.50
N LYS A 257 4.06 -32.99 -12.85
CA LYS A 257 4.69 -31.73 -13.24
C LYS A 257 4.58 -30.62 -12.19
N LEU A 258 3.48 -30.62 -11.44
CA LEU A 258 3.21 -29.52 -10.51
C LEU A 258 3.55 -29.87 -9.06
N PRO A 259 4.17 -28.92 -8.34
CA PRO A 259 4.46 -29.10 -6.91
C PRO A 259 3.20 -28.92 -6.06
N GLY A 260 3.17 -29.57 -4.91
CA GLY A 260 2.02 -29.49 -4.03
C GLY A 260 0.84 -30.26 -4.57
N ARG A 261 -0.27 -30.23 -3.83
CA ARG A 261 -1.47 -30.92 -4.24
C ARG A 261 -2.22 -30.14 -5.30
N VAL A 262 -2.94 -30.86 -6.16
CA VAL A 262 -3.87 -30.25 -7.09
C VAL A 262 -5.22 -30.92 -6.92
N ARG A 263 -6.27 -30.12 -6.79
CA ARG A 263 -7.60 -30.66 -6.60
C ARG A 263 -8.52 -30.17 -7.71
N LEU A 264 -9.19 -31.11 -8.36
CA LEU A 264 -10.08 -30.80 -9.46
C LEU A 264 -11.52 -30.83 -9.01
N PHE A 265 -12.30 -29.87 -9.51
CA PHE A 265 -13.71 -29.79 -9.19
C PHE A 265 -14.50 -29.64 -10.48
N ASN A 266 -15.75 -30.05 -10.46
CA ASN A 266 -16.58 -30.04 -11.67
C ASN A 266 -17.15 -28.66 -11.96
N ASN A 267 -17.21 -27.80 -10.94
CA ASN A 267 -17.69 -26.44 -11.13
C ASN A 267 -17.10 -25.49 -10.10
N GLU A 268 -17.43 -24.21 -10.23
CA GLU A 268 -16.85 -23.17 -9.40
C GLU A 268 -17.42 -23.18 -7.99
N LYS A 269 -18.72 -23.48 -7.88
CA LYS A 269 -19.39 -23.52 -6.58
C LYS A 269 -18.74 -24.57 -5.67
N ALA A 270 -18.50 -25.75 -6.21
CA ALA A 270 -17.84 -26.80 -5.47
C ALA A 270 -16.44 -26.37 -5.04
N MET A 271 -15.72 -25.72 -5.95
CA MET A 271 -14.37 -25.27 -5.67
C MET A 271 -14.32 -24.29 -4.51
N LEU A 272 -15.17 -23.26 -4.59
CA LEU A 272 -15.21 -22.22 -3.57
C LEU A 272 -15.66 -22.77 -2.22
N SER A 273 -16.52 -23.79 -2.24
CA SER A 273 -16.96 -24.44 -1.01
C SER A 273 -15.79 -25.12 -0.31
N CYS A 274 -14.96 -25.79 -1.10
CA CYS A 274 -13.78 -26.45 -0.57
C CYS A 274 -12.77 -25.42 -0.07
N PHE A 275 -12.65 -24.31 -0.79
CA PHE A 275 -11.76 -23.23 -0.41
C PHE A 275 -12.09 -22.75 1.00
N CYS A 276 -13.35 -22.36 1.22
CA CYS A 276 -13.80 -21.90 2.52
C CYS A 276 -13.51 -22.92 3.62
N ALA A 277 -13.73 -24.20 3.32
CA ALA A 277 -13.48 -25.26 4.29
C ALA A 277 -11.99 -25.33 4.65
N MET A 278 -11.14 -25.18 3.63
CA MET A 278 -9.70 -25.21 3.84
C MET A 278 -9.24 -24.02 4.68
N LEU A 279 -9.86 -22.86 4.45
CA LEU A 279 -9.53 -21.65 5.19
C LEU A 279 -9.84 -21.81 6.66
N LYS A 280 -10.99 -22.41 6.96
CA LYS A 280 -11.43 -22.63 8.32
C LYS A 280 -10.44 -23.53 9.07
N VAL A 281 -10.06 -24.63 8.44
CA VAL A 281 -9.17 -25.60 9.05
C VAL A 281 -7.76 -25.04 9.21
N GLU A 282 -7.30 -24.34 8.19
CA GLU A 282 -5.99 -23.73 8.23
C GLU A 282 -5.96 -22.65 9.31
N ASP A 283 -7.03 -21.87 9.37
CA ASP A 283 -7.17 -20.81 10.37
C ASP A 283 -5.95 -19.89 10.38
N PRO A 284 -5.66 -19.25 9.24
CA PRO A 284 -4.50 -18.35 9.15
C PRO A 284 -4.76 -17.01 9.83
N ASP A 285 -3.69 -16.42 10.34
CA ASP A 285 -3.76 -15.09 10.93
C ASP A 285 -3.61 -14.02 9.85
N VAL A 286 -2.88 -14.35 8.80
CA VAL A 286 -2.57 -13.40 7.74
C VAL A 286 -2.80 -14.03 6.37
N ILE A 287 -3.49 -13.30 5.50
CA ILE A 287 -3.66 -13.70 4.12
C ILE A 287 -2.81 -12.81 3.23
N ILE A 288 -1.81 -13.41 2.59
CA ILE A 288 -0.88 -12.69 1.74
C ILE A 288 -1.29 -12.78 0.27
N GLY A 289 -1.14 -11.68 -0.46
CA GLY A 289 -1.44 -11.66 -1.88
C GLY A 289 -0.96 -10.42 -2.61
N HIS A 290 -1.32 -10.35 -3.89
CA HIS A 290 -0.95 -9.23 -4.74
C HIS A 290 -2.22 -8.63 -5.34
N ARG A 291 -2.53 -7.40 -4.95
CA ARG A 291 -3.74 -6.71 -5.38
C ARG A 291 -5.01 -7.44 -4.91
N LEU A 292 -4.97 -7.95 -3.69
CA LEU A 292 -6.14 -8.57 -3.09
C LEU A 292 -7.17 -7.52 -2.73
N GLN A 293 -6.72 -6.46 -2.06
CA GLN A 293 -7.59 -5.50 -1.40
C GLN A 293 -8.70 -4.95 -2.30
N ASN A 294 -8.33 -4.48 -3.49
CA ASN A 294 -9.31 -3.83 -4.36
C ASN A 294 -9.47 -4.47 -5.74
N VAL A 295 -9.07 -5.72 -5.86
CA VAL A 295 -9.31 -6.47 -7.10
C VAL A 295 -9.87 -7.86 -6.80
N TYR A 296 -9.04 -8.73 -6.25
CA TYR A 296 -9.36 -10.15 -6.15
C TYR A 296 -10.24 -10.53 -4.96
N LEU A 297 -10.12 -9.82 -3.84
CA LEU A 297 -11.00 -10.06 -2.71
C LEU A 297 -12.43 -9.70 -3.08
N ASP A 298 -12.58 -8.65 -3.89
CA ASP A 298 -13.90 -8.26 -4.37
C ASP A 298 -14.50 -9.36 -5.24
N VAL A 299 -13.71 -9.86 -6.19
CA VAL A 299 -14.16 -10.92 -7.07
C VAL A 299 -14.52 -12.16 -6.26
N LEU A 300 -13.65 -12.51 -5.31
CA LEU A 300 -13.87 -13.68 -4.47
C LEU A 300 -15.16 -13.56 -3.66
N ALA A 301 -15.38 -12.38 -3.09
CA ALA A 301 -16.55 -12.14 -2.26
C ALA A 301 -17.84 -12.25 -3.07
N HIS A 302 -17.88 -11.57 -4.21
CA HIS A 302 -19.08 -11.53 -5.04
C HIS A 302 -19.41 -12.90 -5.63
N ARG A 303 -18.41 -13.71 -5.92
CA ARG A 303 -18.65 -15.04 -6.47
C ARG A 303 -19.22 -15.97 -5.40
N MET A 304 -18.70 -15.88 -4.18
CA MET A 304 -19.25 -16.66 -3.08
C MET A 304 -20.70 -16.23 -2.86
N HIS A 305 -20.98 -14.96 -3.09
CA HIS A 305 -22.32 -14.42 -2.97
C HIS A 305 -23.19 -14.93 -4.11
N ASP A 306 -22.71 -14.76 -5.34
CA ASP A 306 -23.42 -15.21 -6.53
C ASP A 306 -23.81 -16.69 -6.44
N LEU A 307 -22.85 -17.50 -6.01
CA LEU A 307 -23.05 -18.95 -5.96
C LEU A 307 -23.59 -19.41 -4.61
N ASN A 308 -23.98 -18.45 -3.76
CA ASN A 308 -24.59 -18.78 -2.48
C ASN A 308 -23.78 -19.78 -1.66
N ILE A 309 -22.48 -19.54 -1.54
CA ILE A 309 -21.63 -20.39 -0.72
C ILE A 309 -21.97 -20.14 0.76
N PRO A 310 -22.43 -21.18 1.46
CA PRO A 310 -22.89 -21.00 2.85
C PRO A 310 -21.78 -20.74 3.85
N THR A 311 -20.56 -21.22 3.57
CA THR A 311 -19.45 -21.07 4.51
C THR A 311 -18.52 -19.92 4.13
N PHE A 312 -19.09 -18.86 3.56
CA PHE A 312 -18.31 -17.74 3.03
C PHE A 312 -17.57 -16.96 4.12
N SER A 313 -18.09 -17.03 5.35
CA SER A 313 -17.57 -16.21 6.44
C SER A 313 -16.19 -16.65 6.94
N SER A 314 -15.74 -17.83 6.50
CA SER A 314 -14.44 -18.35 6.94
C SER A 314 -13.27 -17.58 6.33
N ILE A 315 -13.56 -16.62 5.46
CA ILE A 315 -12.53 -15.71 4.98
C ILE A 315 -12.15 -14.77 6.11
N GLY A 316 -13.06 -14.63 7.07
CA GLY A 316 -12.79 -13.93 8.32
C GLY A 316 -12.86 -14.90 9.48
N ARG A 317 -13.07 -14.37 10.69
CA ARG A 317 -13.10 -15.23 11.87
C ARG A 317 -14.41 -15.14 12.66
N ARG A 318 -15.33 -14.31 12.22
CA ARG A 318 -16.69 -14.31 12.80
C ARG A 318 -17.60 -15.15 11.91
N LEU A 319 -18.49 -15.91 12.54
CA LEU A 319 -19.41 -16.78 11.80
C LEU A 319 -20.73 -16.07 11.49
N ARG A 320 -21.05 -16.01 10.20
CA ARG A 320 -22.35 -15.52 9.76
C ARG A 320 -22.99 -16.55 8.83
N ARG A 321 -24.30 -16.72 8.94
CA ARG A 321 -25.03 -17.61 8.06
C ARG A 321 -25.55 -16.86 6.84
N THR A 322 -25.73 -15.55 6.99
CA THR A 322 -26.25 -14.71 5.91
C THR A 322 -25.38 -13.49 5.66
N TRP A 323 -25.39 -13.01 4.42
CA TRP A 323 -24.66 -11.80 4.05
C TRP A 323 -25.41 -10.57 4.55
N PRO A 324 -24.73 -9.41 4.54
CA PRO A 324 -25.41 -8.15 4.85
C PRO A 324 -26.50 -7.86 3.83
N GLU A 325 -27.58 -7.22 4.25
CA GLU A 325 -28.71 -6.96 3.37
C GLU A 325 -28.34 -6.13 2.15
N LYS A 326 -27.50 -5.12 2.36
CA LYS A 326 -27.17 -4.16 1.30
C LYS A 326 -26.00 -4.59 0.42
N PHE A 327 -25.50 -5.80 0.63
CA PHE A 327 -24.37 -6.27 -0.17
C PHE A 327 -24.80 -6.62 -1.59
N GLY A 328 -24.04 -6.12 -2.56
CA GLY A 328 -24.33 -6.38 -3.96
C GLY A 328 -23.88 -5.24 -4.85
N ASN A 331 -24.22 -1.58 -3.19
CA ASN A 331 -23.72 -0.21 -3.32
C ASN A 331 -22.20 -0.24 -3.55
N SER A 332 -21.71 0.48 -4.56
CA SER A 332 -20.30 0.44 -4.96
C SER A 332 -19.36 0.64 -3.77
N ASN A 333 -19.41 1.80 -3.15
CA ASN A 333 -18.49 2.14 -2.07
C ASN A 333 -18.68 1.26 -0.84
N MET A 334 -19.93 0.95 -0.52
CA MET A 334 -20.24 0.15 0.66
C MET A 334 -19.67 -1.27 0.54
N ASN A 335 -19.42 -1.71 -0.69
CA ASN A 335 -18.87 -3.05 -0.92
C ASN A 335 -17.51 -3.22 -0.24
N HIS A 336 -16.74 -2.14 -0.17
CA HIS A 336 -15.43 -2.19 0.45
C HIS A 336 -15.55 -2.48 1.94
N PHE A 337 -16.47 -1.80 2.60
CA PHE A 337 -16.66 -1.98 4.03
C PHE A 337 -17.15 -3.38 4.36
N PHE A 338 -18.14 -3.86 3.61
CA PHE A 338 -18.70 -5.19 3.83
C PHE A 338 -17.61 -6.26 3.77
N ILE A 339 -16.80 -6.22 2.72
CA ILE A 339 -15.73 -7.20 2.53
C ILE A 339 -14.71 -7.09 3.65
N SER A 340 -14.27 -5.88 3.93
CA SER A 340 -13.31 -5.64 5.00
C SER A 340 -13.87 -6.15 6.33
N ASP A 341 -15.16 -5.96 6.52
CA ASP A 341 -15.82 -6.39 7.75
C ASP A 341 -15.90 -7.91 7.81
N ILE A 342 -16.22 -8.54 6.68
CA ILE A 342 -16.33 -9.99 6.61
C ILE A 342 -14.97 -10.66 6.80
N CYS A 343 -13.91 -9.99 6.38
CA CYS A 343 -12.56 -10.52 6.52
C CYS A 343 -11.99 -10.32 7.92
N SER A 344 -12.64 -9.46 8.70
CA SER A 344 -12.22 -9.18 10.08
C SER A 344 -11.74 -10.44 10.79
N GLY A 345 -10.57 -10.35 11.41
CA GLY A 345 -9.99 -11.48 12.12
C GLY A 345 -8.76 -12.02 11.42
N ARG A 346 -8.69 -11.77 10.12
CA ARG A 346 -7.53 -12.18 9.32
C ARG A 346 -6.93 -10.95 8.64
N LEU A 347 -5.65 -10.70 8.88
CA LEU A 347 -5.00 -9.53 8.33
C LEU A 347 -4.69 -9.71 6.84
N ILE A 348 -5.06 -8.71 6.04
CA ILE A 348 -4.81 -8.73 4.61
C ILE A 348 -3.45 -8.10 4.30
N CYS A 349 -2.48 -8.95 3.97
CA CYS A 349 -1.14 -8.48 3.65
C CYS A 349 -0.97 -8.38 2.13
N ASP A 350 -1.33 -7.22 1.58
CA ASP A 350 -1.26 -6.97 0.14
C ASP A 350 0.00 -6.18 -0.23
N ILE A 351 0.91 -6.82 -0.95
CA ILE A 351 2.20 -6.20 -1.27
C ILE A 351 2.11 -5.08 -2.31
N ALA A 352 0.98 -4.97 -3.00
CA ALA A 352 0.84 -4.00 -4.07
C ALA A 352 -0.23 -2.93 -3.81
N ASN A 353 -0.73 -2.86 -2.57
CA ASN A 353 -1.61 -1.76 -2.21
C ASN A 353 -0.78 -0.55 -1.76
N GLU A 354 -1.45 0.52 -1.34
CA GLU A 354 -0.76 1.77 -1.02
C GLU A 354 0.39 1.57 -0.03
N MET A 355 0.14 0.80 1.02
CA MET A 355 1.18 0.53 2.02
C MET A 355 2.32 -0.24 1.36
N GLY A 356 1.98 -1.29 0.62
CA GLY A 356 2.98 -2.10 -0.06
C GLY A 356 3.83 -1.28 -1.01
N GLN A 357 3.20 -0.34 -1.71
CA GLN A 357 3.90 0.51 -2.66
C GLN A 357 4.84 1.47 -1.95
N SER A 358 4.43 1.95 -0.79
CA SER A 358 5.22 2.92 -0.03
C SER A 358 6.55 2.33 0.41
N LEU A 359 6.62 1.00 0.49
CA LEU A 359 7.85 0.31 0.89
C LEU A 359 8.69 -0.08 -0.32
N THR A 360 8.16 0.16 -1.52
CA THR A 360 8.84 -0.24 -2.75
C THR A 360 8.83 0.89 -3.78
N PRO A 361 9.43 2.03 -3.43
CA PRO A 361 9.43 3.22 -4.29
C PRO A 361 10.22 3.03 -5.58
N LYS A 362 11.06 2.01 -5.66
CA LYS A 362 11.86 1.75 -6.85
C LYS A 362 11.03 1.09 -7.96
N CYS A 363 9.78 0.72 -7.65
CA CYS A 363 8.89 0.15 -8.65
C CYS A 363 8.14 1.26 -9.40
N GLN A 364 7.58 0.92 -10.55
CA GLN A 364 6.85 1.89 -11.37
C GLN A 364 5.44 1.41 -11.68
N SER A 365 5.28 0.12 -11.95
CA SER A 365 3.96 -0.45 -12.22
C SER A 365 3.44 -1.25 -11.02
N TRP A 366 4.37 -1.81 -10.24
CA TRP A 366 4.03 -2.70 -9.15
C TRP A 366 3.33 -3.97 -9.64
N ASP A 367 3.63 -4.38 -10.87
CA ASP A 367 3.21 -5.68 -11.37
C ASP A 367 4.02 -6.74 -10.63
N LEU A 368 3.45 -7.92 -10.47
CA LEU A 368 4.06 -8.96 -9.63
C LEU A 368 5.50 -9.26 -10.06
N SER A 369 5.69 -9.51 -11.36
CA SER A 369 7.02 -9.85 -11.85
C SER A 369 8.01 -8.71 -11.61
N GLU A 370 7.54 -7.46 -11.77
CA GLU A 370 8.40 -6.30 -11.53
C GLU A 370 8.83 -6.23 -10.07
N MET A 371 7.88 -6.38 -9.15
CA MET A 371 8.19 -6.33 -7.72
C MET A 371 9.20 -7.41 -7.37
N TYR A 372 9.04 -8.59 -7.97
CA TYR A 372 9.91 -9.72 -7.73
C TYR A 372 11.34 -9.37 -8.16
N GLN A 373 11.45 -8.69 -9.30
CA GLN A 373 12.76 -8.28 -9.81
C GLN A 373 13.40 -7.25 -8.88
N VAL A 374 12.65 -6.20 -8.59
CA VAL A 374 13.16 -5.08 -7.78
C VAL A 374 13.56 -5.50 -6.37
N THR A 375 12.73 -6.31 -5.72
CA THR A 375 12.93 -6.62 -4.30
C THR A 375 13.77 -7.87 -4.06
N CYS A 376 13.74 -8.82 -5.00
CA CYS A 376 14.44 -10.09 -4.82
C CYS A 376 15.53 -10.31 -5.88
N GLU A 377 15.63 -9.41 -6.85
CA GLU A 377 16.65 -9.53 -7.88
C GLU A 377 16.56 -10.90 -8.56
N LYS A 378 15.33 -11.34 -8.81
CA LYS A 378 15.08 -12.58 -9.53
C LYS A 378 14.11 -12.30 -10.67
N GLU A 379 14.26 -13.01 -11.78
CA GLU A 379 13.44 -12.76 -12.96
C GLU A 379 12.36 -13.83 -13.11
N HIS A 380 11.13 -13.37 -13.37
CA HIS A 380 10.04 -14.27 -13.73
C HIS A 380 9.30 -13.68 -14.92
N LYS A 381 9.22 -14.46 -15.99
CA LYS A 381 8.54 -14.01 -17.20
C LYS A 381 7.07 -14.41 -17.13
N PRO A 382 6.18 -13.42 -16.97
CA PRO A 382 4.76 -13.70 -16.76
C PRO A 382 4.05 -14.22 -18.00
N LEU A 383 3.28 -15.30 -17.83
CA LEU A 383 2.43 -15.82 -18.89
C LEU A 383 1.09 -15.10 -18.85
N ASP A 384 0.60 -14.68 -20.01
CA ASP A 384 -0.71 -14.07 -20.11
C ASP A 384 -1.76 -15.16 -20.31
N ILE A 385 -2.34 -15.61 -19.21
CA ILE A 385 -3.34 -16.68 -19.26
C ILE A 385 -4.72 -16.11 -19.58
N ASP A 386 -5.31 -16.61 -20.66
CA ASP A 386 -6.69 -16.24 -21.02
C ASP A 386 -7.54 -17.49 -21.12
N TYR A 387 -8.35 -17.73 -20.09
CA TYR A 387 -9.16 -18.95 -20.03
C TYR A 387 -10.36 -18.90 -20.97
N GLN A 388 -10.58 -17.77 -21.61
CA GLN A 388 -11.60 -17.67 -22.65
C GLN A 388 -11.19 -18.49 -23.86
N ASN A 389 -9.88 -18.62 -24.07
CA ASN A 389 -9.35 -19.37 -25.19
C ASN A 389 -9.77 -20.83 -25.13
N PRO A 390 -10.23 -21.39 -26.27
CA PRO A 390 -10.78 -22.75 -26.30
C PRO A 390 -9.74 -23.84 -25.99
N GLN A 391 -8.46 -23.53 -26.11
CA GLN A 391 -7.43 -24.56 -25.96
C GLN A 391 -7.38 -25.12 -24.54
N TYR A 392 -7.90 -24.37 -23.57
CA TYR A 392 -7.83 -24.79 -22.16
C TYR A 392 -8.89 -25.81 -21.78
N GLN A 393 -9.76 -26.19 -22.72
CA GLN A 393 -10.77 -27.19 -22.45
C GLN A 393 -10.35 -28.58 -22.90
N ASN A 394 -9.42 -28.64 -23.85
CA ASN A 394 -8.96 -29.92 -24.38
C ASN A 394 -7.43 -30.10 -24.36
N ASP A 395 -6.69 -29.01 -24.16
CA ASP A 395 -5.24 -29.09 -24.14
C ASP A 395 -4.73 -29.19 -22.71
N VAL A 396 -4.37 -30.40 -22.30
CA VAL A 396 -3.98 -30.66 -20.92
C VAL A 396 -2.67 -29.95 -20.53
N ASN A 397 -1.76 -29.83 -21.50
N ASN A 397 -1.76 -29.82 -21.49
CA ASN A 397 -0.47 -29.19 -21.26
CA ASN A 397 -0.48 -29.18 -21.22
C ASN A 397 -0.63 -27.69 -21.00
C ASN A 397 -0.62 -27.68 -21.00
N SER A 398 -1.56 -27.07 -21.72
CA SER A 398 -1.81 -25.64 -21.55
C SER A 398 -2.39 -25.38 -20.16
N MET A 399 -3.37 -26.19 -19.79
CA MET A 399 -4.00 -26.09 -18.48
C MET A 399 -2.96 -26.23 -17.37
N THR A 400 -2.02 -27.15 -17.56
CA THR A 400 -0.99 -27.43 -16.56
C THR A 400 0.00 -26.27 -16.44
N MET A 401 0.36 -25.65 -17.57
CA MET A 401 1.27 -24.51 -17.56
C MET A 401 0.62 -23.31 -16.89
N ALA A 402 -0.69 -23.18 -17.08
CA ALA A 402 -1.44 -22.07 -16.50
C ALA A 402 -1.49 -22.21 -14.98
N LEU A 403 -1.68 -23.43 -14.50
CA LEU A 403 -1.70 -23.68 -13.07
C LEU A 403 -0.32 -23.44 -12.47
N GLN A 404 0.72 -23.81 -13.20
CA GLN A 404 2.09 -23.58 -12.74
C GLN A 404 2.33 -22.08 -12.56
N GLU A 405 1.81 -21.28 -13.48
CA GLU A 405 1.92 -19.83 -13.39
C GLU A 405 1.26 -19.33 -12.10
N ASN A 406 0.11 -19.89 -11.76
CA ASN A 406 -0.60 -19.50 -10.55
C ASN A 406 0.19 -19.88 -9.31
N ILE A 407 0.68 -21.12 -9.27
CA ILE A 407 1.49 -21.58 -8.16
C ILE A 407 2.72 -20.69 -7.96
N THR A 408 3.40 -20.38 -9.06
CA THR A 408 4.59 -19.54 -9.01
C THR A 408 4.28 -18.17 -8.44
N ASN A 409 3.21 -17.54 -8.95
CA ASN A 409 2.81 -16.22 -8.47
C ASN A 409 2.49 -16.22 -6.98
N CYS A 410 1.84 -17.30 -6.51
CA CYS A 410 1.46 -17.41 -5.12
C CYS A 410 2.70 -17.37 -4.22
N MET A 411 3.71 -18.14 -4.59
CA MET A 411 4.92 -18.23 -3.77
C MET A 411 5.81 -17.00 -3.93
N ILE A 412 5.71 -16.34 -5.09
CA ILE A 412 6.43 -15.09 -5.31
C ILE A 412 5.85 -13.99 -4.41
N SER A 413 4.53 -13.90 -4.38
CA SER A 413 3.86 -12.90 -3.54
C SER A 413 4.30 -13.03 -2.09
N ALA A 414 4.32 -14.25 -1.58
CA ALA A 414 4.75 -14.49 -0.21
C ALA A 414 6.19 -14.03 -0.01
N GLU A 415 7.08 -14.52 -0.88
CA GLU A 415 8.51 -14.23 -0.75
C GLU A 415 8.76 -12.73 -0.73
N VAL A 416 8.07 -12.01 -1.60
CA VAL A 416 8.21 -10.55 -1.67
C VAL A 416 7.72 -9.92 -0.37
N SER A 417 6.56 -10.36 0.12
CA SER A 417 5.99 -9.76 1.33
C SER A 417 6.94 -9.90 2.52
N TYR A 418 7.71 -10.98 2.54
CA TYR A 418 8.67 -11.20 3.62
C TYR A 418 9.93 -10.38 3.42
N ARG A 419 10.35 -10.26 2.16
CA ARG A 419 11.59 -9.55 1.84
C ARG A 419 11.47 -8.07 2.14
N ILE A 420 10.32 -7.48 1.80
CA ILE A 420 10.09 -6.06 2.05
C ILE A 420 9.64 -5.82 3.49
N GLN A 421 9.62 -6.86 4.30
CA GLN A 421 9.31 -6.73 5.73
C GLN A 421 8.00 -5.99 5.93
N LEU A 422 6.97 -6.41 5.21
CA LEU A 422 5.69 -5.72 5.23
C LEU A 422 4.98 -5.89 6.57
N LEU A 423 5.14 -7.04 7.20
CA LEU A 423 4.46 -7.31 8.47
C LEU A 423 5.11 -6.59 9.66
N THR A 424 6.41 -6.75 9.84
CA THR A 424 7.11 -6.13 10.96
C THR A 424 6.99 -4.61 10.92
N LEU A 425 7.25 -4.03 9.75
CA LEU A 425 7.19 -2.57 9.62
C LEU A 425 5.79 -2.05 9.95
N THR A 426 4.77 -2.70 9.41
CA THR A 426 3.40 -2.28 9.66
C THR A 426 3.01 -2.49 11.12
N LYS A 427 3.53 -3.55 11.74
CA LYS A 427 3.28 -3.77 13.16
C LYS A 427 3.88 -2.64 13.99
N GLN A 428 5.14 -2.32 13.71
CA GLN A 428 5.83 -1.26 14.43
C GLN A 428 5.13 0.08 14.24
N LEU A 429 4.68 0.34 13.01
CA LEU A 429 3.95 1.56 12.71
C LEU A 429 2.65 1.59 13.50
N THR A 430 2.02 0.43 13.66
CA THR A 430 0.77 0.32 14.38
C THR A 430 0.98 0.53 15.89
N ASN A 431 2.03 -0.05 16.44
CA ASN A 431 2.33 0.12 17.85
C ASN A 431 2.67 1.58 18.18
N LEU A 432 3.24 2.29 17.21
CA LEU A 432 3.63 3.68 17.43
C LEU A 432 2.44 4.63 17.34
N ALA A 433 1.48 4.31 16.47
CA ALA A 433 0.34 5.19 16.24
C ALA A 433 -0.83 4.85 17.14
N GLY A 434 -0.88 3.60 17.60
CA GLY A 434 -1.94 3.14 18.48
C GLY A 434 -3.25 2.82 17.78
N ASN A 435 -3.17 2.57 16.47
CA ASN A 435 -4.36 2.21 15.71
C ASN A 435 -4.47 0.69 15.55
N ALA A 436 -5.24 0.24 14.57
CA ALA A 436 -5.37 -1.19 14.29
C ALA A 436 -4.42 -1.62 13.17
N TRP A 437 -3.81 -2.79 13.34
CA TRP A 437 -2.89 -3.35 12.36
C TRP A 437 -3.50 -3.41 10.96
N ALA A 438 -4.78 -3.79 10.90
CA ALA A 438 -5.48 -3.88 9.61
C ALA A 438 -5.56 -2.52 8.93
N GLN A 439 -5.77 -1.48 9.70
N GLN A 439 -5.80 -1.48 9.69
CA GLN A 439 -5.89 -0.12 9.18
CA GLN A 439 -5.88 -0.13 9.14
C GLN A 439 -4.57 0.36 8.60
C GLN A 439 -4.55 0.26 8.51
N THR A 440 -3.46 -0.09 9.18
CA THR A 440 -2.13 0.26 8.68
C THR A 440 -1.82 -0.50 7.40
N LEU A 441 -2.20 -1.77 7.36
CA LEU A 441 -1.94 -2.61 6.19
C LEU A 441 -2.77 -2.17 4.98
N GLY A 442 -4.02 -1.77 5.22
CA GLY A 442 -4.94 -1.51 4.14
C GLY A 442 -5.41 -0.08 3.97
N GLY A 443 -4.81 0.84 4.72
CA GLY A 443 -5.25 2.23 4.67
C GLY A 443 -4.20 3.18 4.12
N THR A 444 -4.46 4.47 4.27
CA THR A 444 -3.51 5.51 3.92
C THR A 444 -2.78 5.94 5.19
N ARG A 445 -1.92 6.95 5.07
CA ARG A 445 -1.20 7.48 6.22
C ARG A 445 -2.15 8.09 7.25
N ALA A 446 -3.26 8.66 6.77
CA ALA A 446 -4.17 9.42 7.61
C ALA A 446 -4.55 8.69 8.90
N GLY A 447 -4.81 7.39 8.79
CA GLY A 447 -5.22 6.60 9.94
C GLY A 447 -4.21 6.65 11.07
N ARG A 448 -2.95 6.42 10.73
CA ARG A 448 -1.88 6.47 11.72
C ARG A 448 -1.76 7.88 12.27
N ASN A 449 -1.67 8.85 11.37
CA ASN A 449 -1.62 10.25 11.75
C ASN A 449 -2.72 10.60 12.74
N GLU A 450 -3.89 10.01 12.53
CA GLU A 450 -5.06 10.32 13.35
C GLU A 450 -4.91 9.79 14.76
N TYR A 451 -4.62 8.50 14.88
CA TYR A 451 -4.61 7.83 16.18
C TYR A 451 -3.43 8.23 17.07
N ILE A 452 -2.28 8.53 16.46
CA ILE A 452 -1.12 8.92 17.25
C ILE A 452 -1.45 10.18 18.04
N LEU A 453 -2.22 11.08 17.42
CA LEU A 453 -2.64 12.31 18.06
C LEU A 453 -3.79 12.07 19.04
N LEU A 454 -4.71 11.18 18.67
CA LEU A 454 -5.83 10.85 19.55
C LEU A 454 -5.32 10.36 20.90
N HIS A 455 -4.36 9.45 20.88
CA HIS A 455 -3.76 8.95 22.11
C HIS A 455 -2.98 10.04 22.85
N GLU A 456 -2.21 10.82 22.09
CA GLU A 456 -1.34 11.83 22.69
C GLU A 456 -2.15 12.89 23.44
N PHE A 457 -3.15 13.44 22.77
CA PHE A 457 -3.95 14.53 23.33
C PHE A 457 -4.85 14.06 24.48
N SER A 458 -5.52 12.92 24.28
CA SER A 458 -6.45 12.40 25.27
C SER A 458 -5.76 12.12 26.61
N ARG A 459 -4.49 11.73 26.54
CA ARG A 459 -3.75 11.36 27.74
C ARG A 459 -3.28 12.56 28.53
N ASN A 460 -3.27 13.73 27.89
CA ASN A 460 -2.87 14.95 28.57
C ASN A 460 -4.05 15.88 28.80
N GLY A 461 -5.25 15.31 28.91
CA GLY A 461 -6.41 16.07 29.32
C GLY A 461 -6.98 16.99 28.26
N PHE A 462 -6.68 16.70 26.99
CA PHE A 462 -7.24 17.48 25.89
C PHE A 462 -8.46 16.79 25.29
N ILE A 463 -9.43 17.57 24.86
CA ILE A 463 -10.56 17.04 24.11
C ILE A 463 -10.20 16.99 22.64
N VAL A 464 -10.39 15.83 22.02
CA VAL A 464 -10.06 15.66 20.61
C VAL A 464 -11.29 15.95 19.75
N PRO A 465 -11.06 16.35 18.49
CA PRO A 465 -12.16 16.62 17.56
C PRO A 465 -13.00 15.37 17.29
N ASP A 466 -14.28 15.56 17.01
CA ASP A 466 -15.13 14.43 16.62
C ASP A 466 -14.73 13.95 15.23
N LYS A 467 -15.00 12.67 14.96
CA LYS A 467 -14.61 12.07 13.68
C LYS A 467 -15.40 12.68 12.52
N VAL A 500 9.83 24.90 -4.79
CA VAL A 500 9.93 24.00 -5.93
C VAL A 500 10.80 24.62 -7.03
N PHE A 501 11.79 23.86 -7.49
CA PHE A 501 12.70 24.35 -8.53
C PHE A 501 12.56 23.51 -9.79
N GLU A 502 12.09 24.13 -10.86
CA GLU A 502 11.90 23.44 -12.13
C GLU A 502 13.17 22.70 -12.54
N PRO A 503 13.02 21.51 -13.14
CA PRO A 503 14.16 20.66 -13.49
C PRO A 503 14.99 21.22 -14.65
N GLU A 504 16.31 21.07 -14.55
CA GLU A 504 17.21 21.48 -15.62
C GLU A 504 17.37 20.34 -16.63
N LYS A 505 16.56 20.37 -17.67
CA LYS A 505 16.50 19.27 -18.62
C LYS A 505 17.80 19.17 -19.44
N GLY A 506 18.27 17.95 -19.63
CA GLY A 506 19.46 17.71 -20.42
C GLY A 506 20.36 16.66 -19.79
N LEU A 507 21.50 16.41 -20.41
CA LEU A 507 22.49 15.48 -19.87
C LEU A 507 23.41 16.22 -18.90
N HIS A 508 23.55 15.65 -17.70
CA HIS A 508 24.46 16.20 -16.71
C HIS A 508 25.68 15.29 -16.59
N LYS A 509 26.85 15.81 -16.97
CA LYS A 509 28.06 15.00 -17.04
C LYS A 509 28.70 14.82 -15.67
N ASN A 510 28.52 15.82 -14.81
CA ASN A 510 29.04 15.73 -13.45
C ASN A 510 28.08 14.93 -12.59
N TYR A 511 28.64 14.25 -11.59
CA TYR A 511 27.82 13.51 -10.62
C TYR A 511 26.74 14.41 -10.05
N VAL A 512 25.50 13.94 -10.07
CA VAL A 512 24.39 14.64 -9.44
C VAL A 512 23.88 13.82 -8.26
N LEU A 513 23.72 14.48 -7.12
CA LEU A 513 23.23 13.81 -5.91
C LEU A 513 21.80 14.21 -5.60
N VAL A 514 20.98 13.22 -5.26
CA VAL A 514 19.62 13.46 -4.79
C VAL A 514 19.64 13.54 -3.27
N MET A 515 19.32 14.71 -2.74
CA MET A 515 19.35 14.94 -1.29
C MET A 515 17.95 14.82 -0.70
N ASP A 516 17.83 14.02 0.35
CA ASP A 516 16.53 13.75 0.97
C ASP A 516 16.14 14.84 1.96
N PHE A 517 15.01 15.50 1.69
CA PHE A 517 14.50 16.56 2.56
C PHE A 517 13.16 16.17 3.22
N ASN A 518 12.92 14.87 3.34
CA ASN A 518 11.66 14.40 3.95
C ASN A 518 11.42 14.98 5.34
N SER A 519 12.51 15.21 6.07
CA SER A 519 12.41 15.67 7.45
C SER A 519 12.17 17.19 7.55
N LEU A 520 12.00 17.84 6.41
CA LEU A 520 11.81 19.29 6.37
C LEU A 520 10.70 19.74 7.32
N TYR A 521 9.49 19.28 7.08
CA TYR A 521 8.32 19.75 7.83
C TYR A 521 8.35 19.36 9.31
N PRO A 522 8.69 18.10 9.62
CA PRO A 522 8.78 17.73 11.04
C PRO A 522 9.87 18.50 11.81
N SER A 523 10.88 19.01 11.10
CA SER A 523 11.92 19.79 11.76
C SER A 523 11.44 21.22 11.97
N ILE A 524 10.61 21.71 11.06
CA ILE A 524 10.03 23.04 11.16
C ILE A 524 9.06 23.11 12.33
N ILE A 525 8.18 22.12 12.40
CA ILE A 525 7.20 22.04 13.48
C ILE A 525 7.89 21.98 14.84
N GLN A 526 9.02 21.27 14.89
CA GLN A 526 9.76 21.12 16.14
C GLN A 526 10.55 22.38 16.46
N GLU A 527 11.24 22.93 15.46
CA GLU A 527 12.08 24.10 15.67
C GLU A 527 11.28 25.32 16.09
N PHE A 528 10.16 25.54 15.42
CA PHE A 528 9.36 26.74 15.65
C PHE A 528 8.17 26.49 16.57
N ASN A 529 8.18 25.35 17.26
CA ASN A 529 7.15 25.03 18.25
C ASN A 529 5.74 25.28 17.71
N ILE A 530 5.45 24.73 16.54
CA ILE A 530 4.14 24.87 15.93
C ILE A 530 3.20 23.76 16.38
N CYS A 531 2.09 24.14 16.99
CA CYS A 531 1.15 23.18 17.54
C CYS A 531 -0.25 23.77 17.61
N PHE A 532 -1.23 22.90 17.80
CA PHE A 532 -2.61 23.33 17.96
C PHE A 532 -2.76 24.14 19.25
N THR A 533 -1.84 23.91 20.18
CA THR A 533 -1.91 24.53 21.51
C THR A 533 -1.05 25.78 21.64
N THR A 534 -0.20 26.04 20.65
CA THR A 534 0.78 27.12 20.77
C THR A 534 0.55 28.27 19.80
N VAL A 535 -0.05 28.00 18.64
CA VAL A 535 -0.22 29.02 17.62
C VAL A 535 -1.56 29.75 17.75
N ASP A 536 -1.51 30.99 18.23
CA ASP A 536 -2.69 31.84 18.26
C ASP A 536 -3.18 32.08 16.84
N ARG A 537 -4.36 31.57 16.52
CA ARG A 537 -4.89 31.65 15.16
C ARG A 537 -6.36 32.04 15.16
N ASN A 538 -6.78 32.73 14.10
CA ASN A 538 -8.17 33.15 13.97
C ASN A 538 -9.02 32.00 13.44
N LYS A 539 -9.84 31.42 14.31
CA LYS A 539 -10.62 30.25 13.96
C LYS A 539 -11.87 30.61 13.16
N GLU A 540 -12.09 31.90 12.94
CA GLU A 540 -13.17 32.37 12.08
C GLU A 540 -12.71 32.31 10.62
N ASP A 541 -11.59 32.96 10.34
CA ASP A 541 -11.02 32.97 8.99
C ASP A 541 -9.79 32.08 8.94
N ILE A 542 -9.96 30.88 8.39
CA ILE A 542 -8.89 29.90 8.33
C ILE A 542 -7.83 30.24 7.28
N ASP A 543 -8.15 31.20 6.42
CA ASP A 543 -7.22 31.61 5.36
C ASP A 543 -6.22 32.64 5.87
N GLU A 544 -6.45 33.14 7.08
CA GLU A 544 -5.56 34.14 7.68
C GLU A 544 -4.28 33.49 8.18
N LEU A 545 -3.15 34.04 7.78
CA LEU A 545 -1.85 33.52 8.19
C LEU A 545 -1.50 33.99 9.59
N PRO A 546 -1.21 33.03 10.50
CA PRO A 546 -0.81 33.37 11.86
C PRO A 546 0.71 33.49 11.98
N SER A 547 1.19 33.73 13.20
CA SER A 547 2.62 33.85 13.45
C SER A 547 3.07 32.77 14.42
N VAL A 548 4.33 32.35 14.30
CA VAL A 548 4.89 31.37 15.23
C VAL A 548 4.86 31.95 16.63
N PRO A 549 4.77 31.09 17.65
CA PRO A 549 4.75 31.58 19.02
C PRO A 549 6.10 32.13 19.45
N PRO A 550 6.11 33.08 20.39
CA PRO A 550 7.38 33.61 20.90
C PRO A 550 8.11 32.56 21.73
N SER A 551 9.44 32.64 21.75
CA SER A 551 10.27 31.65 22.44
C SER A 551 9.79 31.38 23.87
N GLU A 552 9.05 32.32 24.45
CA GLU A 552 8.60 32.19 25.83
C GLU A 552 7.58 31.07 26.01
N VAL A 553 6.76 30.83 24.99
CA VAL A 553 5.73 29.80 25.07
C VAL A 553 6.34 28.40 25.19
N ASP A 554 5.79 27.60 26.10
CA ASP A 554 6.28 26.23 26.34
C ASP A 554 6.06 25.33 25.13
N GLN A 555 6.90 24.31 25.01
CA GLN A 555 6.81 23.35 23.91
C GLN A 555 5.43 22.69 23.90
N GLY A 556 4.80 22.68 22.72
CA GLY A 556 3.47 22.11 22.57
C GLY A 556 3.47 20.59 22.49
N VAL A 557 2.28 20.02 22.29
CA VAL A 557 2.10 18.58 22.25
C VAL A 557 2.73 17.97 20.99
N LEU A 558 2.44 18.57 19.83
CA LEU A 558 2.91 18.03 18.56
C LEU A 558 4.44 18.10 18.45
N PRO A 559 5.04 19.25 18.77
CA PRO A 559 6.50 19.34 18.73
C PRO A 559 7.17 18.39 19.72
N ARG A 560 6.60 18.25 20.90
CA ARG A 560 7.14 17.37 21.92
C ARG A 560 7.06 15.92 21.46
N LEU A 561 5.97 15.60 20.76
CA LEU A 561 5.80 14.26 20.22
C LEU A 561 6.89 13.97 19.21
N LEU A 562 7.11 14.93 18.30
CA LEU A 562 8.14 14.78 17.28
C LEU A 562 9.53 14.68 17.90
N ALA A 563 9.80 15.52 18.90
CA ALA A 563 11.09 15.50 19.57
C ALA A 563 11.35 14.13 20.17
N ASN A 564 10.33 13.55 20.80
CA ASN A 564 10.46 12.23 21.40
C ASN A 564 10.76 11.15 20.36
N LEU A 565 10.11 11.25 19.21
CA LEU A 565 10.31 10.30 18.13
C LEU A 565 11.73 10.39 17.58
N VAL A 566 12.21 11.62 17.39
CA VAL A 566 13.56 11.84 16.91
C VAL A 566 14.57 11.35 17.94
N ASP A 567 14.32 11.63 19.21
CA ASP A 567 15.24 11.21 20.27
C ASP A 567 15.34 9.70 20.33
N ARG A 568 14.20 9.02 20.32
CA ARG A 568 14.19 7.58 20.39
C ARG A 568 14.88 6.96 19.19
N ARG A 569 14.75 7.60 18.02
CA ARG A 569 15.42 7.10 16.84
C ARG A 569 16.93 7.14 17.03
N ARG A 570 17.44 8.21 17.64
CA ARG A 570 18.86 8.31 17.90
C ARG A 570 19.29 7.23 18.89
N GLU A 571 18.49 7.06 19.95
CA GLU A 571 18.75 6.02 20.94
C GLU A 571 18.94 4.68 20.23
N VAL A 572 18.10 4.40 19.24
CA VAL A 572 18.19 3.15 18.51
C VAL A 572 19.46 3.06 17.69
N LYS A 573 19.77 4.12 16.95
CA LYS A 573 20.97 4.15 16.12
C LYS A 573 22.25 4.06 16.95
N LYS A 574 22.21 4.57 18.18
CA LYS A 574 23.35 4.44 19.08
C LYS A 574 23.54 2.98 19.44
N VAL A 575 22.44 2.31 19.78
CA VAL A 575 22.48 0.90 20.14
C VAL A 575 22.95 0.04 18.98
N MET A 576 22.63 0.44 17.76
CA MET A 576 23.01 -0.32 16.57
C MET A 576 24.51 -0.36 16.39
N LYS A 577 25.15 0.81 16.49
CA LYS A 577 26.60 0.90 16.30
C LYS A 577 27.34 -0.13 17.15
N THR A 578 26.78 -0.45 18.32
CA THR A 578 27.41 -1.37 19.24
C THR A 578 26.95 -2.81 19.05
N GLU A 579 25.67 -2.98 18.71
CA GLU A 579 25.07 -4.31 18.60
C GLU A 579 25.86 -5.22 17.66
N THR A 580 26.10 -6.44 18.12
CA THR A 580 26.84 -7.43 17.34
C THR A 580 25.91 -8.45 16.70
N ASP A 581 24.93 -8.93 17.48
CA ASP A 581 23.98 -9.91 17.01
C ASP A 581 23.18 -9.40 15.80
N PRO A 582 23.29 -10.08 14.66
CA PRO A 582 22.57 -9.67 13.45
C PRO A 582 21.06 -9.63 13.64
N HIS A 583 20.52 -10.52 14.47
CA HIS A 583 19.08 -10.56 14.72
C HIS A 583 18.61 -9.26 15.38
N LYS A 584 19.19 -8.95 16.53
CA LYS A 584 18.84 -7.74 17.26
C LYS A 584 19.13 -6.49 16.41
N ARG A 585 20.20 -6.56 15.62
CA ARG A 585 20.58 -5.42 14.78
C ARG A 585 19.55 -5.16 13.71
N VAL A 586 19.14 -6.21 13.00
CA VAL A 586 18.09 -6.10 12.00
C VAL A 586 16.81 -5.56 12.62
N GLN A 587 16.53 -6.01 13.83
CA GLN A 587 15.35 -5.55 14.57
C GLN A 587 15.46 -4.04 14.81
N CYS A 588 16.63 -3.58 15.24
CA CYS A 588 16.86 -2.16 15.47
C CYS A 588 16.61 -1.34 14.22
N ASP A 589 17.06 -1.86 13.08
CA ASP A 589 16.91 -1.15 11.82
C ASP A 589 15.44 -1.00 11.44
N ILE A 590 14.63 -2.02 11.73
CA ILE A 590 13.19 -1.94 11.51
C ILE A 590 12.57 -0.88 12.42
N ARG A 591 12.92 -0.95 13.70
CA ARG A 591 12.45 0.02 14.68
C ARG A 591 12.79 1.44 14.24
N GLN A 592 14.04 1.64 13.83
CA GLN A 592 14.54 2.93 13.41
C GLN A 592 13.77 3.46 12.21
N GLN A 593 13.50 2.58 11.24
N GLN A 593 13.48 2.58 11.25
CA GLN A 593 12.73 2.95 10.06
CA GLN A 593 12.74 2.97 10.05
C GLN A 593 11.33 3.41 10.44
C GLN A 593 11.31 3.37 10.39
N ALA A 594 10.66 2.61 11.27
CA ALA A 594 9.30 2.92 11.70
C ALA A 594 9.23 4.28 12.36
N LEU A 595 10.18 4.57 13.25
CA LEU A 595 10.21 5.87 13.92
C LEU A 595 10.33 7.00 12.90
N LYS A 596 11.18 6.80 11.90
CA LYS A 596 11.37 7.79 10.85
C LYS A 596 10.08 8.05 10.08
N LEU A 597 9.46 6.97 9.61
CA LEU A 597 8.23 7.07 8.82
C LEU A 597 7.13 7.76 9.62
N THR A 598 7.08 7.49 10.92
CA THR A 598 6.06 8.06 11.78
C THR A 598 6.23 9.58 11.86
N ALA A 599 7.46 10.02 12.10
CA ALA A 599 7.76 11.44 12.20
C ALA A 599 7.48 12.16 10.87
N ASN A 600 7.94 11.57 9.78
CA ASN A 600 7.83 12.19 8.46
C ASN A 600 6.41 12.15 7.89
N SER A 601 5.48 11.54 8.64
CA SER A 601 4.09 11.50 8.23
C SER A 601 3.24 12.49 9.04
N MET A 602 3.83 13.04 10.10
CA MET A 602 3.10 13.89 11.04
C MET A 602 2.47 15.11 10.39
N TYR A 603 3.11 15.66 9.36
CA TYR A 603 2.57 16.86 8.71
C TYR A 603 1.17 16.61 8.17
N GLY A 604 0.92 15.40 7.70
CA GLY A 604 -0.39 15.03 7.18
C GLY A 604 -1.50 15.31 8.18
N CYS A 605 -1.17 15.23 9.46
CA CYS A 605 -2.14 15.48 10.52
C CYS A 605 -2.85 16.83 10.36
N LEU A 606 -2.08 17.87 10.05
CA LEU A 606 -2.62 19.22 10.00
C LEU A 606 -2.69 19.77 8.59
N GLY A 607 -2.10 19.05 7.63
CA GLY A 607 -2.03 19.53 6.26
C GLY A 607 -3.06 18.93 5.32
N TYR A 608 -3.40 17.66 5.55
CA TYR A 608 -4.37 16.97 4.71
C TYR A 608 -5.76 17.54 4.91
N VAL A 609 -6.37 17.98 3.82
CA VAL A 609 -7.66 18.68 3.85
C VAL A 609 -8.73 17.92 4.61
N ASN A 610 -8.79 16.61 4.42
CA ASN A 610 -9.83 15.79 5.03
C ASN A 610 -9.35 15.12 6.31
N SER A 611 -8.36 15.72 6.96
CA SER A 611 -7.83 15.19 8.21
C SER A 611 -8.69 15.61 9.39
N ARG A 612 -8.79 14.72 10.37
CA ARG A 612 -9.54 14.99 11.58
C ARG A 612 -8.90 16.13 12.36
N PHE A 613 -7.60 16.35 12.14
CA PHE A 613 -6.87 17.40 12.83
C PHE A 613 -6.44 18.51 11.87
N TYR A 614 -7.14 18.61 10.74
CA TYR A 614 -6.79 19.61 9.74
C TYR A 614 -6.84 21.02 10.31
N ALA A 615 -5.80 21.80 10.03
CA ALA A 615 -5.72 23.18 10.48
C ALA A 615 -4.98 24.01 9.44
N LYS A 616 -5.73 24.80 8.67
CA LYS A 616 -5.15 25.53 7.55
C LYS A 616 -4.11 26.55 7.98
N PRO A 617 -4.39 27.30 9.06
CA PRO A 617 -3.41 28.30 9.51
C PRO A 617 -2.07 27.66 9.86
N LEU A 618 -2.09 26.46 10.40
CA LEU A 618 -0.87 25.75 10.75
C LEU A 618 -0.18 25.21 9.50
N ALA A 619 -0.97 24.64 8.60
CA ALA A 619 -0.45 24.09 7.36
C ALA A 619 0.28 25.18 6.57
N MET A 620 -0.40 26.30 6.38
CA MET A 620 0.19 27.43 5.66
C MET A 620 1.47 27.89 6.35
N LEU A 621 1.42 27.98 7.67
CA LEU A 621 2.56 28.42 8.46
C LEU A 621 3.77 27.52 8.23
N VAL A 622 3.54 26.22 8.23
CA VAL A 622 4.61 25.25 8.03
C VAL A 622 5.07 25.24 6.58
N THR A 623 4.14 25.48 5.66
CA THR A 623 4.44 25.48 4.24
C THR A 623 5.32 26.66 3.86
N ASN A 624 4.99 27.84 4.40
CA ASN A 624 5.74 29.05 4.09
C ASN A 624 7.18 28.96 4.60
N LYS A 625 7.35 28.51 5.83
CA LYS A 625 8.69 28.30 6.38
C LYS A 625 9.44 27.27 5.54
N GLY A 626 8.71 26.35 4.93
CA GLY A 626 9.30 25.35 4.07
C GLY A 626 9.85 25.94 2.79
N ARG A 627 9.15 26.93 2.25
CA ARG A 627 9.61 27.62 1.05
C ARG A 627 10.89 28.39 1.34
N GLU A 628 10.88 29.15 2.42
CA GLU A 628 12.06 29.92 2.82
C GLU A 628 13.28 29.03 2.89
N ILE A 629 13.17 27.95 3.66
CA ILE A 629 14.30 27.05 3.87
C ILE A 629 14.83 26.49 2.55
N LEU A 630 13.92 26.15 1.64
CA LEU A 630 14.31 25.62 0.34
C LEU A 630 14.95 26.70 -0.51
N MET A 631 14.39 27.89 -0.48
CA MET A 631 14.95 29.04 -1.21
C MET A 631 16.35 29.34 -0.69
N ASN A 632 16.52 29.30 0.62
CA ASN A 632 17.81 29.56 1.23
C ASN A 632 18.75 28.38 1.06
N THR A 633 18.20 27.18 0.92
CA THR A 633 19.00 25.99 0.66
C THR A 633 19.66 26.11 -0.71
N ARG A 634 18.97 26.79 -1.62
CA ARG A 634 19.51 27.04 -2.96
C ARG A 634 20.71 27.97 -2.86
N GLN A 635 20.54 29.09 -2.17
CA GLN A 635 21.61 30.05 -1.99
C GLN A 635 22.82 29.39 -1.33
N LEU A 636 22.57 28.50 -0.39
CA LEU A 636 23.64 27.78 0.28
C LEU A 636 24.40 26.90 -0.72
N ALA A 637 23.66 26.18 -1.56
CA ALA A 637 24.27 25.33 -2.57
C ALA A 637 25.17 26.16 -3.48
N GLU A 638 24.66 27.32 -3.90
CA GLU A 638 25.41 28.20 -4.77
C GLU A 638 26.64 28.78 -4.08
N SER A 639 26.58 28.93 -2.76
CA SER A 639 27.71 29.46 -2.01
C SER A 639 28.86 28.45 -1.99
N MET A 640 28.53 27.18 -2.24
CA MET A 640 29.55 26.15 -2.43
C MET A 640 29.82 25.93 -3.91
N ASN A 641 29.32 26.83 -4.75
CA ASN A 641 29.46 26.71 -6.20
C ASN A 641 28.80 25.44 -6.74
N LEU A 642 27.68 25.06 -6.14
CA LEU A 642 26.89 23.93 -6.63
C LEU A 642 25.68 24.46 -7.40
N LEU A 643 25.13 23.62 -8.25
CA LEU A 643 23.95 24.01 -9.02
C LEU A 643 22.77 23.12 -8.66
N VAL A 644 21.64 23.73 -8.34
CA VAL A 644 20.42 22.97 -8.06
C VAL A 644 19.76 22.55 -9.36
N VAL A 645 19.81 21.25 -9.66
CA VAL A 645 19.25 20.71 -10.89
C VAL A 645 17.73 20.58 -10.79
N TYR A 646 17.25 20.19 -9.61
CA TYR A 646 15.82 20.10 -9.33
C TYR A 646 15.58 20.14 -7.84
N GLY A 647 14.36 20.46 -7.43
CA GLY A 647 14.04 20.50 -6.02
C GLY A 647 12.57 20.61 -5.68
N ASP A 648 12.21 20.06 -4.53
CA ASP A 648 10.89 20.21 -3.95
C ASP A 648 10.98 19.93 -2.46
N THR A 649 9.84 19.86 -1.79
CA THR A 649 9.84 19.69 -0.34
C THR A 649 10.35 18.33 0.11
N ASP A 650 10.38 17.36 -0.81
CA ASP A 650 10.82 16.01 -0.47
C ASP A 650 12.29 15.79 -0.80
N SER A 651 12.78 16.45 -1.85
CA SER A 651 14.15 16.20 -2.30
C SER A 651 14.72 17.36 -3.10
N VAL A 652 16.05 17.46 -3.09
CA VAL A 652 16.76 18.47 -3.85
C VAL A 652 17.93 17.81 -4.56
N MET A 653 18.02 18.03 -5.88
CA MET A 653 19.09 17.44 -6.68
C MET A 653 20.18 18.48 -6.93
N ILE A 654 21.42 18.11 -6.68
CA ILE A 654 22.54 19.04 -6.81
C ILE A 654 23.65 18.52 -7.71
N ASP A 655 24.08 19.38 -8.65
CA ASP A 655 25.23 19.08 -9.48
C ASP A 655 26.50 19.36 -8.68
N THR A 656 27.24 18.30 -8.36
CA THR A 656 28.43 18.43 -7.53
C THR A 656 29.61 19.05 -8.30
N GLY A 657 29.59 18.90 -9.62
CA GLY A 657 30.66 19.43 -10.45
C GLY A 657 31.86 18.51 -10.49
N CYS A 658 31.70 17.31 -9.93
CA CYS A 658 32.78 16.33 -9.91
C CYS A 658 32.49 15.17 -10.87
N ASP A 659 33.52 14.38 -11.16
CA ASP A 659 33.38 13.21 -12.01
C ASP A 659 33.92 11.97 -11.30
N ASN A 660 33.96 12.04 -9.98
CA ASN A 660 34.46 10.94 -9.16
C ASN A 660 33.53 10.70 -7.97
N TYR A 661 33.25 9.44 -7.68
CA TYR A 661 32.33 9.09 -6.59
C TYR A 661 32.78 9.74 -5.29
N ALA A 662 34.06 9.57 -4.95
CA ALA A 662 34.60 10.12 -3.72
C ALA A 662 34.38 11.63 -3.64
N ASP A 663 34.88 12.36 -4.63
CA ASP A 663 34.74 13.81 -4.67
C ASP A 663 33.27 14.22 -4.60
N ALA A 664 32.40 13.43 -5.22
CA ALA A 664 30.98 13.73 -5.25
C ALA A 664 30.37 13.57 -3.86
N ILE A 665 30.73 12.49 -3.18
CA ILE A 665 30.20 12.21 -1.86
C ILE A 665 30.67 13.25 -0.85
N LYS A 666 31.92 13.67 -0.97
CA LYS A 666 32.48 14.68 -0.08
C LYS A 666 31.75 16.00 -0.23
N ILE A 667 31.55 16.43 -1.48
CA ILE A 667 30.74 17.61 -1.76
C ILE A 667 29.35 17.43 -1.13
N GLY A 668 28.79 16.24 -1.31
CA GLY A 668 27.46 15.93 -0.81
C GLY A 668 27.36 16.04 0.70
N LEU A 669 28.38 15.55 1.40
CA LEU A 669 28.40 15.61 2.86
C LEU A 669 28.69 17.04 3.33
N GLY A 670 29.54 17.74 2.60
CA GLY A 670 29.84 19.13 2.92
C GLY A 670 28.58 19.98 2.85
N PHE A 671 27.75 19.71 1.84
CA PHE A 671 26.48 20.41 1.70
C PHE A 671 25.55 20.00 2.83
N LYS A 672 25.59 18.74 3.21
CA LYS A 672 24.79 18.22 4.31
C LYS A 672 25.13 18.96 5.60
N ARG A 673 26.42 19.10 5.89
CA ARG A 673 26.87 19.80 7.09
C ARG A 673 26.45 21.26 7.07
N LEU A 674 26.61 21.90 5.91
CA LEU A 674 26.29 23.31 5.76
C LEU A 674 24.82 23.57 6.05
N VAL A 675 23.95 22.72 5.52
CA VAL A 675 22.52 22.87 5.71
C VAL A 675 22.14 22.73 7.18
N ASN A 676 22.78 21.81 7.88
CA ASN A 676 22.48 21.57 9.29
C ASN A 676 23.00 22.69 10.19
N GLU A 677 24.10 23.31 9.80
CA GLU A 677 24.66 24.43 10.55
C GLU A 677 23.68 25.60 10.57
N ARG A 678 22.95 25.79 9.49
CA ARG A 678 21.98 26.85 9.39
CA ARG A 678 21.97 26.85 9.39
C ARG A 678 20.62 26.40 9.95
N TYR A 679 20.41 25.09 9.96
CA TYR A 679 19.15 24.52 10.47
C TYR A 679 19.45 23.29 11.32
N ARG A 680 19.62 23.51 12.62
CA ARG A 680 20.08 22.49 13.56
C ARG A 680 19.24 21.21 13.57
N LEU A 681 17.95 21.33 13.29
CA LEU A 681 17.06 20.17 13.36
C LEU A 681 16.83 19.52 12.00
N LEU A 682 17.40 20.10 10.95
CA LEU A 682 17.24 19.57 9.60
C LEU A 682 18.45 18.73 9.20
N GLU A 683 18.27 17.41 9.19
CA GLU A 683 19.34 16.49 8.83
C GLU A 683 19.02 15.77 7.52
N ILE A 684 19.56 16.29 6.42
CA ILE A 684 19.34 15.71 5.11
C ILE A 684 20.40 14.65 4.82
N ASP A 685 20.13 13.79 3.83
CA ASP A 685 21.08 12.74 3.48
C ASP A 685 21.08 12.45 1.99
N ILE A 686 22.08 11.68 1.56
CA ILE A 686 22.23 11.31 0.16
C ILE A 686 21.41 10.07 -0.15
N ASP A 687 20.42 10.22 -1.02
CA ASP A 687 19.50 9.13 -1.34
C ASP A 687 19.86 8.46 -2.66
N ASN A 688 20.35 9.24 -3.62
CA ASN A 688 20.67 8.72 -4.94
C ASN A 688 21.93 9.37 -5.52
N VAL A 689 22.78 8.56 -6.13
CA VAL A 689 24.00 9.06 -6.75
C VAL A 689 23.97 8.78 -8.25
N PHE A 690 23.93 9.85 -9.05
CA PHE A 690 23.88 9.73 -10.50
C PHE A 690 25.21 10.10 -11.14
N LYS A 691 25.94 9.10 -11.63
CA LYS A 691 27.17 9.35 -12.36
C LYS A 691 26.88 10.22 -13.58
N LYS A 692 25.81 9.86 -14.29
CA LYS A 692 25.29 10.67 -15.39
C LYS A 692 23.79 10.83 -15.17
N LEU A 693 23.21 11.89 -15.73
CA LEU A 693 21.78 12.12 -15.59
C LEU A 693 21.17 12.79 -16.81
N LEU A 694 20.36 12.04 -17.54
CA LEU A 694 19.56 12.58 -18.63
C LEU A 694 18.18 12.90 -18.07
N LEU A 695 17.94 14.17 -17.79
CA LEU A 695 16.77 14.58 -17.01
C LEU A 695 15.70 15.29 -17.84
N HIS A 696 14.45 14.96 -17.58
N HIS A 696 14.44 14.95 -17.58
CA HIS A 696 13.31 15.64 -18.20
CA HIS A 696 13.30 15.64 -18.21
C HIS A 696 12.35 16.13 -17.12
C HIS A 696 12.33 16.12 -17.13
N ALA A 697 12.11 15.29 -16.11
CA ALA A 697 11.26 15.66 -14.99
C ALA A 697 11.67 14.81 -13.78
N LYS A 698 11.05 15.10 -12.63
CA LYS A 698 11.40 14.40 -11.39
C LYS A 698 11.38 12.88 -11.57
N LYS A 699 10.33 12.38 -12.21
CA LYS A 699 10.19 10.94 -12.42
C LYS A 699 10.24 10.60 -13.91
N LYS A 700 11.04 11.36 -14.67
CA LYS A 700 11.23 11.11 -16.08
C LYS A 700 12.69 11.36 -16.45
N TYR A 701 13.50 10.30 -16.43
CA TYR A 701 14.93 10.45 -16.65
C TYR A 701 15.63 9.12 -16.91
N ALA A 702 16.81 9.19 -17.51
CA ALA A 702 17.71 8.05 -17.62
C ALA A 702 19.01 8.42 -16.93
N ALA A 703 19.68 7.45 -16.32
CA ALA A 703 20.87 7.75 -15.54
C ALA A 703 21.69 6.51 -15.22
N LEU A 704 22.97 6.73 -14.92
CA LEU A 704 23.83 5.67 -14.40
C LEU A 704 23.95 5.83 -12.89
N THR A 705 23.19 5.03 -12.14
CA THR A 705 23.18 5.13 -10.69
C THR A 705 24.31 4.29 -10.09
N VAL A 706 24.81 4.73 -8.95
CA VAL A 706 25.89 4.04 -8.27
C VAL A 706 25.39 3.42 -6.97
N ASN A 707 25.90 2.24 -6.65
CA ASN A 707 25.49 1.53 -5.44
C ASN A 707 26.66 0.81 -4.79
N THR A 715 29.21 0.00 -7.62
CA THR A 715 28.88 -0.67 -8.86
C THR A 715 27.82 0.12 -9.64
N THR A 716 28.25 0.73 -10.74
CA THR A 716 27.36 1.53 -11.56
C THR A 716 26.31 0.65 -12.24
N VAL A 717 25.13 1.21 -12.48
CA VAL A 717 24.03 0.49 -13.11
C VAL A 717 23.13 1.46 -13.86
N LEU A 718 22.61 1.02 -15.01
CA LEU A 718 21.69 1.86 -15.78
C LEU A 718 20.30 1.86 -15.15
N GLU A 719 19.70 3.04 -15.07
CA GLU A 719 18.38 3.19 -14.48
C GLU A 719 17.52 4.12 -15.33
N VAL A 720 16.33 3.66 -15.69
CA VAL A 720 15.41 4.45 -16.49
C VAL A 720 14.04 4.53 -15.83
N LYS A 721 13.52 5.76 -15.69
CA LYS A 721 12.23 5.98 -15.07
C LYS A 721 11.36 6.87 -15.96
N GLY A 722 10.12 6.46 -16.19
CA GLY A 722 9.18 7.27 -16.95
C GLY A 722 9.37 7.20 -18.45
N LEU A 723 10.45 6.58 -18.90
CA LEU A 723 10.72 6.45 -20.33
C LEU A 723 10.57 5.00 -20.79
N ASP A 724 10.00 4.17 -19.91
CA ASP A 724 9.78 2.76 -20.20
C ASP A 724 8.30 2.42 -20.08
N MET A 725 7.45 3.34 -20.54
CA MET A 725 6.01 3.18 -20.41
C MET A 725 5.44 2.25 -21.47
N LYS A 726 5.73 2.53 -22.73
CA LYS A 726 5.20 1.74 -23.85
C LYS A 726 6.27 0.93 -24.56
N ARG A 727 6.64 -0.19 -23.96
CA ARG A 727 7.59 -1.11 -24.58
C ARG A 727 6.88 -2.04 -25.56
N ARG A 728 5.63 -2.36 -25.25
CA ARG A 728 4.86 -3.33 -26.03
C ARG A 728 4.74 -2.95 -27.50
N GLU A 729 4.54 -1.66 -27.76
CA GLU A 729 4.29 -1.18 -29.11
C GLU A 729 5.55 -1.21 -29.99
N PHE A 730 6.70 -1.45 -29.37
CA PHE A 730 7.96 -1.47 -30.10
C PHE A 730 8.62 -2.85 -30.11
N CYS A 731 9.22 -3.20 -31.23
CA CYS A 731 9.82 -4.51 -31.43
C CYS A 731 11.17 -4.60 -30.71
N PRO A 732 11.67 -5.83 -30.54
CA PRO A 732 12.96 -6.05 -29.88
C PRO A 732 14.11 -5.25 -30.51
N LEU A 733 14.13 -5.14 -31.84
CA LEU A 733 15.15 -4.36 -32.52
C LEU A 733 15.13 -2.92 -32.01
N SER A 734 13.92 -2.35 -31.94
CA SER A 734 13.76 -0.96 -31.50
C SER A 734 14.24 -0.79 -30.08
N ARG A 735 13.92 -1.76 -29.22
CA ARG A 735 14.31 -1.68 -27.81
C ARG A 735 15.81 -1.93 -27.65
N ASP A 736 16.36 -2.79 -28.50
CA ASP A 736 17.79 -3.05 -28.49
C ASP A 736 18.56 -1.80 -28.93
N VAL A 737 18.02 -1.10 -29.91
CA VAL A 737 18.63 0.11 -30.42
C VAL A 737 18.62 1.21 -29.38
N SER A 738 17.47 1.45 -28.77
CA SER A 738 17.32 2.50 -27.78
C SER A 738 18.25 2.28 -26.58
N ILE A 739 18.27 1.05 -26.09
CA ILE A 739 19.11 0.70 -24.94
C ILE A 739 20.59 0.89 -25.27
N HIS A 740 21.00 0.45 -26.46
CA HIS A 740 22.39 0.56 -26.87
C HIS A 740 22.81 2.02 -27.02
N VAL A 741 21.89 2.85 -27.53
CA VAL A 741 22.15 4.27 -27.68
C VAL A 741 22.42 4.94 -26.34
N LEU A 742 21.54 4.70 -25.38
CA LEU A 742 21.71 5.25 -24.04
C LEU A 742 23.04 4.83 -23.44
N ASN A 743 23.30 3.52 -23.42
CA ASN A 743 24.53 2.99 -22.88
C ASN A 743 25.76 3.75 -23.38
N THR A 744 25.83 3.96 -24.69
CA THR A 744 26.97 4.64 -25.30
C THR A 744 26.99 6.14 -24.98
N ILE A 745 25.82 6.76 -24.97
CA ILE A 745 25.72 8.19 -24.64
C ILE A 745 26.14 8.45 -23.19
N LEU A 746 25.70 7.59 -22.29
CA LEU A 746 25.99 7.75 -20.87
C LEU A 746 27.33 7.12 -20.49
N SER A 747 28.00 6.52 -21.49
CA SER A 747 29.29 5.90 -21.26
C SER A 747 30.33 6.94 -20.86
N ASP A 748 31.44 6.48 -20.29
CA ASP A 748 32.50 7.37 -19.86
C ASP A 748 33.47 7.67 -21.01
N LYS A 749 32.92 7.74 -22.22
CA LYS A 749 33.70 8.03 -23.41
C LYS A 749 33.42 9.46 -23.86
N ASP A 750 34.37 10.06 -24.56
CA ASP A 750 34.20 11.44 -25.04
C ASP A 750 32.95 11.55 -25.91
N PRO A 751 32.21 12.65 -25.77
CA PRO A 751 30.89 12.83 -26.40
C PRO A 751 30.87 12.90 -27.93
N GLU A 752 32.03 12.85 -28.57
N GLU A 752 32.04 12.80 -28.57
CA GLU A 752 32.07 12.79 -30.03
CA GLU A 752 32.11 12.82 -30.02
C GLU A 752 32.33 11.38 -30.52
C GLU A 752 32.43 11.45 -30.60
N GLU A 753 33.32 10.71 -29.93
CA GLU A 753 33.67 9.36 -30.33
C GLU A 753 32.51 8.42 -30.04
N ALA A 754 31.83 8.67 -28.92
CA ALA A 754 30.66 7.88 -28.54
C ALA A 754 29.49 8.18 -29.47
N LEU A 755 29.34 9.45 -29.83
CA LEU A 755 28.25 9.87 -30.71
C LEU A 755 28.51 9.41 -32.14
N GLN A 756 29.77 9.18 -32.48
CA GLN A 756 30.13 8.62 -33.77
C GLN A 756 29.91 7.11 -33.73
N GLU A 757 30.16 6.53 -32.57
CA GLU A 757 29.88 5.12 -32.35
C GLU A 757 28.38 4.88 -32.54
N VAL A 758 27.59 5.90 -32.26
CA VAL A 758 26.15 5.84 -32.41
C VAL A 758 25.75 5.81 -33.89
N TYR A 759 26.36 6.67 -34.68
CA TYR A 759 26.06 6.74 -36.11
C TYR A 759 26.57 5.49 -36.83
N ASP A 760 27.76 5.04 -36.46
CA ASP A 760 28.31 3.80 -37.00
C ASP A 760 27.40 2.64 -36.66
N TYR A 761 26.68 2.76 -35.55
CA TYR A 761 25.74 1.74 -35.11
C TYR A 761 24.44 1.82 -35.91
N LEU A 762 23.89 3.04 -36.01
CA LEU A 762 22.64 3.24 -36.72
C LEU A 762 22.79 2.94 -38.21
N GLU A 763 23.71 3.63 -38.87
CA GLU A 763 23.99 3.40 -40.28
C GLU A 763 24.11 1.90 -40.55
N ASP A 764 24.85 1.21 -39.69
CA ASP A 764 25.03 -0.23 -39.82
C ASP A 764 23.70 -0.95 -39.67
N ILE A 765 22.85 -0.43 -38.79
CA ILE A 765 21.51 -0.99 -38.58
C ILE A 765 20.63 -0.71 -39.79
N ARG A 766 20.82 0.45 -40.42
CA ARG A 766 20.02 0.84 -41.58
C ARG A 766 20.34 -0.04 -42.78
N ILE A 767 21.62 -0.39 -42.94
CA ILE A 767 22.04 -1.28 -44.01
C ILE A 767 21.54 -2.70 -43.76
N LYS A 768 21.60 -3.13 -42.51
CA LYS A 768 21.18 -4.47 -42.14
C LYS A 768 19.67 -4.65 -42.31
N VAL A 769 18.92 -3.57 -42.10
CA VAL A 769 17.48 -3.62 -42.28
C VAL A 769 17.11 -3.66 -43.76
N GLU A 770 17.78 -2.83 -44.56
CA GLU A 770 17.51 -2.76 -45.99
C GLU A 770 17.90 -4.06 -46.69
N THR A 771 18.98 -4.70 -46.23
CA THR A 771 19.42 -5.97 -46.81
C THR A 771 18.80 -7.16 -46.08
N ASN A 772 17.96 -6.87 -45.10
CA ASN A 772 17.24 -7.92 -44.37
C ASN A 772 18.14 -9.03 -43.84
N ASN A 773 19.18 -8.65 -43.11
CA ASN A 773 20.08 -9.62 -42.50
C ASN A 773 19.96 -9.63 -40.98
N ILE A 774 18.78 -9.25 -40.50
CA ILE A 774 18.48 -9.30 -39.07
C ILE A 774 17.41 -10.35 -38.82
N ARG A 775 17.53 -11.07 -37.72
CA ARG A 775 16.55 -12.09 -37.36
C ARG A 775 15.14 -11.52 -37.45
N ILE A 776 14.21 -12.34 -37.94
CA ILE A 776 12.83 -11.89 -38.10
C ILE A 776 12.15 -11.74 -36.73
N ASP A 777 12.67 -12.42 -35.73
CA ASP A 777 12.17 -12.29 -34.37
C ASP A 777 12.22 -10.84 -33.89
N LYS A 778 13.28 -10.14 -34.27
CA LYS A 778 13.53 -8.80 -33.77
C LYS A 778 12.56 -7.76 -34.33
N TYR A 779 11.79 -8.14 -35.33
CA TYR A 779 10.82 -7.22 -35.94
C TYR A 779 9.43 -7.41 -35.35
N LYS A 780 9.28 -8.39 -34.48
CA LYS A 780 7.95 -8.77 -33.98
C LYS A 780 7.33 -7.68 -33.11
N ILE A 781 6.02 -7.52 -33.25
CA ILE A 781 5.26 -6.55 -32.48
C ILE A 781 4.00 -7.22 -31.94
N ASN A 782 3.85 -7.23 -30.62
CA ASN A 782 2.67 -7.80 -29.99
C ASN A 782 1.61 -6.74 -29.74
N MET A 783 0.35 -7.14 -29.83
CA MET A 783 -0.77 -6.23 -29.61
C MET A 783 -1.99 -7.02 -29.16
N LYS A 784 -2.48 -6.70 -27.96
CA LYS A 784 -3.62 -7.40 -27.39
C LYS A 784 -4.92 -6.77 -27.85
N LEU A 785 -5.91 -7.60 -28.11
CA LEU A 785 -7.22 -7.13 -28.57
C LEU A 785 -8.16 -6.94 -27.39
N SER A 786 -8.50 -5.69 -27.09
CA SER A 786 -9.40 -5.38 -25.99
C SER A 786 -10.82 -5.83 -26.32
N LYS A 787 -11.18 -5.73 -27.59
CA LYS A 787 -12.51 -6.13 -28.05
C LYS A 787 -12.42 -6.99 -29.30
N ASP A 788 -13.54 -7.59 -29.69
CA ASP A 788 -13.58 -8.45 -30.86
C ASP A 788 -13.13 -7.68 -32.10
N PRO A 789 -12.34 -8.33 -32.98
CA PRO A 789 -11.79 -7.66 -34.16
C PRO A 789 -12.86 -7.05 -35.07
N LYS A 790 -14.00 -7.72 -35.20
CA LYS A 790 -15.07 -7.23 -36.08
C LYS A 790 -15.77 -6.01 -35.50
N ALA A 791 -15.49 -5.69 -34.23
CA ALA A 791 -16.14 -4.57 -33.57
C ALA A 791 -15.16 -3.45 -33.24
N TYR A 792 -13.92 -3.57 -33.72
CA TYR A 792 -12.91 -2.55 -33.48
C TYR A 792 -13.10 -1.35 -34.38
N PRO A 793 -13.38 -0.17 -33.80
CA PRO A 793 -13.52 1.05 -34.60
C PRO A 793 -12.20 1.45 -35.25
N GLY A 794 -12.20 1.67 -36.55
CA GLY A 794 -11.00 2.03 -37.27
C GLY A 794 -10.03 0.86 -37.39
N GLY A 795 -10.59 -0.35 -37.50
CA GLY A 795 -9.80 -1.56 -37.60
C GLY A 795 -8.89 -1.57 -38.82
N LYS A 796 -9.31 -0.91 -39.88
CA LYS A 796 -8.54 -0.85 -41.11
C LYS A 796 -7.17 -0.20 -40.87
N ASN A 797 -7.08 0.61 -39.81
CA ASN A 797 -5.83 1.28 -39.46
C ASN A 797 -4.94 0.43 -38.55
N MET A 798 -5.57 -0.47 -37.79
CA MET A 798 -4.84 -1.30 -36.84
C MET A 798 -4.31 -2.57 -37.50
N PRO A 799 -2.97 -2.74 -37.51
CA PRO A 799 -2.35 -3.92 -38.12
C PRO A 799 -2.78 -5.22 -37.46
N ALA A 800 -2.88 -5.22 -36.14
CA ALA A 800 -3.23 -6.43 -35.39
C ALA A 800 -4.60 -6.94 -35.79
N VAL A 801 -5.53 -6.02 -36.03
CA VAL A 801 -6.89 -6.39 -36.39
C VAL A 801 -6.95 -7.00 -37.79
N GLN A 802 -6.21 -6.40 -38.72
CA GLN A 802 -6.18 -6.88 -40.10
C GLN A 802 -5.62 -8.30 -40.16
N VAL A 803 -4.62 -8.58 -39.33
CA VAL A 803 -4.03 -9.92 -39.27
C VAL A 803 -4.99 -10.89 -38.60
N ALA A 804 -5.73 -10.40 -37.60
CA ALA A 804 -6.69 -11.22 -36.88
C ALA A 804 -7.86 -11.61 -37.78
N LEU A 805 -8.36 -10.64 -38.53
CA LEU A 805 -9.48 -10.88 -39.44
C LEU A 805 -9.06 -11.82 -40.56
N ARG A 806 -7.80 -11.75 -40.96
CA ARG A 806 -7.29 -12.61 -42.02
C ARG A 806 -7.25 -14.06 -41.55
N MET A 807 -7.15 -14.25 -40.24
CA MET A 807 -7.16 -15.59 -39.65
C MET A 807 -8.59 -16.14 -39.60
N ARG A 808 -9.55 -15.26 -39.35
CA ARG A 808 -10.96 -15.63 -39.34
C ARG A 808 -11.40 -16.12 -40.71
N LYS A 809 -11.32 -15.24 -41.70
CA LYS A 809 -11.74 -15.58 -43.06
C LYS A 809 -10.99 -16.81 -43.57
N ALA A 810 -9.81 -17.04 -43.02
CA ALA A 810 -9.04 -18.24 -43.37
C ALA A 810 -9.63 -19.46 -42.69
N GLY A 811 -10.01 -19.32 -41.42
CA GLY A 811 -10.63 -20.39 -40.68
C GLY A 811 -10.32 -20.39 -39.19
N ARG A 812 -9.09 -20.03 -38.84
CA ARG A 812 -8.66 -20.06 -37.45
C ARG A 812 -9.45 -19.11 -36.57
N VAL A 813 -9.60 -19.47 -35.30
CA VAL A 813 -10.40 -18.71 -34.36
C VAL A 813 -9.55 -17.71 -33.57
N VAL A 814 -10.10 -16.53 -33.35
CA VAL A 814 -9.40 -15.48 -32.61
C VAL A 814 -10.42 -14.49 -32.03
N LYS A 815 -10.37 -14.29 -30.72
CA LYS A 815 -11.34 -13.46 -30.02
C LYS A 815 -10.66 -12.37 -29.21
N ALA A 816 -11.45 -11.63 -28.44
CA ALA A 816 -10.93 -10.58 -27.58
C ALA A 816 -10.02 -11.18 -26.50
N GLY A 817 -8.87 -10.56 -26.29
CA GLY A 817 -7.90 -11.05 -25.34
C GLY A 817 -6.76 -11.78 -26.02
N SER A 818 -6.94 -12.06 -27.31
CA SER A 818 -5.91 -12.74 -28.09
C SER A 818 -4.76 -11.79 -28.41
N VAL A 819 -3.54 -12.29 -28.26
CA VAL A 819 -2.35 -11.51 -28.55
C VAL A 819 -1.88 -11.76 -29.98
N ILE A 820 -1.87 -10.70 -30.79
CA ILE A 820 -1.44 -10.81 -32.17
C ILE A 820 0.01 -10.38 -32.33
N THR A 821 0.85 -11.31 -32.78
CA THR A 821 2.25 -11.02 -33.06
C THR A 821 2.43 -10.89 -34.57
N PHE A 822 2.94 -9.74 -35.01
CA PHE A 822 3.01 -9.46 -36.44
C PHE A 822 4.29 -8.73 -36.85
N VAL A 823 4.52 -8.67 -38.16
CA VAL A 823 5.63 -7.93 -38.73
C VAL A 823 5.12 -7.16 -39.93
N ILE A 824 5.53 -5.91 -40.06
CA ILE A 824 5.13 -5.08 -41.20
C ILE A 824 6.03 -5.43 -42.37
N THR A 825 5.42 -5.79 -43.50
CA THR A 825 6.16 -6.29 -44.65
C THR A 825 6.17 -5.29 -45.81
N LYS A 826 7.09 -5.52 -46.75
CA LYS A 826 7.18 -4.70 -47.96
C LYS A 826 6.52 -5.41 -49.13
N GLN A 827 6.24 -4.66 -50.19
CA GLN A 827 5.60 -5.21 -51.38
C GLN A 827 6.65 -5.71 -52.38
N ALA A 838 -0.09 1.24 -54.06
CA ALA A 838 0.40 1.42 -52.70
C ALA A 838 -0.54 0.73 -51.71
N LEU A 839 0.04 -0.02 -50.77
CA LEU A 839 -0.73 -0.72 -49.78
C LEU A 839 -0.51 -0.14 -48.39
N SER A 840 -1.58 -0.09 -47.60
CA SER A 840 -1.53 0.47 -46.26
C SER A 840 -0.61 -0.34 -45.35
N VAL A 841 -0.09 0.29 -44.31
CA VAL A 841 0.76 -0.38 -43.33
C VAL A 841 0.03 -1.55 -42.70
N ALA A 842 -1.24 -1.35 -42.38
CA ALA A 842 -2.06 -2.39 -41.76
C ALA A 842 -2.26 -3.57 -42.71
N GLU A 843 -2.47 -3.28 -43.99
CA GLU A 843 -2.66 -4.31 -45.00
C GLU A 843 -1.40 -5.14 -45.18
N ARG A 844 -0.24 -4.49 -45.04
CA ARG A 844 1.04 -5.16 -45.23
C ARG A 844 1.48 -5.94 -44.00
N ALA A 845 0.69 -5.86 -42.93
CA ALA A 845 1.00 -6.58 -41.70
C ALA A 845 0.66 -8.07 -41.83
N HIS A 846 1.57 -8.91 -41.38
CA HIS A 846 1.36 -10.36 -41.42
C HIS A 846 1.86 -11.01 -40.14
N ALA A 847 1.25 -12.15 -39.78
CA ALA A 847 1.64 -12.89 -38.61
C ALA A 847 3.12 -13.25 -38.66
N LEU A 848 3.79 -13.17 -37.51
CA LEU A 848 5.22 -13.45 -37.44
C LEU A 848 5.56 -14.82 -38.02
N ASN A 849 4.86 -15.86 -37.56
CA ASN A 849 5.14 -17.21 -38.01
C ASN A 849 5.08 -17.35 -39.54
N GLU A 850 4.19 -16.58 -40.16
CA GLU A 850 4.12 -16.56 -41.62
C GLU A 850 5.37 -15.95 -42.22
N VAL A 851 5.80 -14.82 -41.67
CA VAL A 851 6.95 -14.10 -42.21
C VAL A 851 8.25 -14.89 -42.06
N MET A 852 8.32 -15.71 -41.01
CA MET A 852 9.53 -16.48 -40.74
C MET A 852 9.76 -17.59 -41.78
N ILE A 853 8.67 -18.10 -42.35
CA ILE A 853 8.78 -19.11 -43.39
C ILE A 853 9.25 -18.46 -44.69
N LYS A 854 10.51 -18.70 -45.04
CA LYS A 854 11.12 -18.04 -46.19
C LYS A 854 10.33 -18.21 -47.48
N SER A 855 9.76 -19.40 -47.68
CA SER A 855 9.06 -19.72 -48.91
C SER A 855 7.81 -18.85 -49.11
N ASN A 856 7.40 -18.12 -48.07
CA ASN A 856 6.29 -17.18 -48.20
C ASN A 856 6.72 -15.88 -48.87
N ASN A 857 8.02 -15.71 -49.05
CA ASN A 857 8.57 -14.53 -49.71
C ASN A 857 8.11 -13.22 -49.06
N LEU A 858 8.14 -13.19 -47.73
CA LEU A 858 7.80 -11.98 -46.98
C LEU A 858 9.04 -11.40 -46.31
N ILE A 859 9.23 -10.09 -46.46
CA ILE A 859 10.35 -9.41 -45.81
C ILE A 859 9.88 -8.17 -45.07
N PRO A 860 10.58 -7.80 -43.99
CA PRO A 860 10.22 -6.59 -43.24
C PRO A 860 10.32 -5.34 -44.11
N ASP A 861 9.45 -4.37 -43.86
CA ASP A 861 9.49 -3.12 -44.61
C ASP A 861 10.44 -2.13 -43.95
N PRO A 862 11.57 -1.83 -44.62
CA PRO A 862 12.56 -0.90 -44.05
C PRO A 862 11.96 0.47 -43.75
N GLN A 863 11.17 0.99 -44.68
CA GLN A 863 10.57 2.31 -44.52
C GLN A 863 9.86 2.46 -43.17
N TYR A 864 9.04 1.47 -42.82
CA TYR A 864 8.26 1.55 -41.59
C TYR A 864 9.12 1.39 -40.34
N TYR A 865 10.03 0.43 -40.36
CA TYR A 865 10.84 0.12 -39.18
C TYR A 865 11.92 1.16 -38.93
N LEU A 866 12.37 1.83 -39.98
CA LEU A 866 13.39 2.86 -39.85
C LEU A 866 12.77 4.19 -39.41
N GLU A 867 11.54 4.43 -39.82
CA GLU A 867 10.85 5.68 -39.47
C GLU A 867 10.08 5.57 -38.15
N LYS A 868 9.18 4.61 -38.07
CA LYS A 868 8.26 4.52 -36.94
C LYS A 868 8.82 3.76 -35.74
N GLN A 869 9.83 2.93 -35.97
CA GLN A 869 10.35 2.05 -34.92
C GLN A 869 11.73 2.45 -34.40
N ILE A 870 12.52 3.12 -35.23
CA ILE A 870 13.89 3.46 -34.85
C ILE A 870 14.12 4.97 -34.79
N PHE A 871 13.52 5.71 -35.70
CA PHE A 871 13.70 7.16 -35.74
C PHE A 871 12.92 7.87 -34.64
N ALA A 872 11.60 7.69 -34.63
CA ALA A 872 10.74 8.41 -33.69
C ALA A 872 11.21 8.26 -32.23
N PRO A 873 11.49 7.03 -31.80
CA PRO A 873 11.94 6.84 -30.42
C PRO A 873 13.28 7.54 -30.14
N VAL A 874 14.21 7.46 -31.09
CA VAL A 874 15.52 8.08 -30.91
C VAL A 874 15.42 9.61 -31.00
N GLU A 875 14.48 10.09 -31.79
CA GLU A 875 14.25 11.53 -31.92
C GLU A 875 13.96 12.16 -30.57
N ARG A 876 13.50 11.34 -29.63
CA ARG A 876 13.22 11.80 -28.27
C ARG A 876 14.42 11.56 -27.36
N LEU A 877 15.10 10.44 -27.55
CA LEU A 877 16.26 10.09 -26.74
C LEU A 877 17.37 11.15 -26.88
N LEU A 878 17.54 11.68 -28.08
CA LEU A 878 18.65 12.58 -28.35
C LEU A 878 18.18 14.00 -28.68
N GLU A 879 17.03 14.40 -28.14
CA GLU A 879 16.52 15.74 -28.35
C GLU A 879 17.43 16.78 -27.71
N ARG A 880 17.97 16.45 -26.55
CA ARG A 880 18.85 17.36 -25.83
C ARG A 880 20.22 16.74 -25.61
#